data_5EWA
#
_entry.id   5EWA
#
_cell.length_a   49.054
_cell.length_b   78.448
_cell.length_c   260.608
_cell.angle_alpha   90.00
_cell.angle_beta   90.00
_cell.angle_gamma   90.00
#
_symmetry.space_group_name_H-M   'P 21 21 21'
#
loop_
_entity.id
_entity.type
_entity.pdbx_description
1 polymer 'Beta-lactamase IMP-1'
2 non-polymer 'ZINC ION'
3 non-polymer '(3~{R},5~{R},7~{a}~{S})-2,2-dimethyl-5-(sulfanylmethyl)-3,5,7,7~{a}-tetrahydro-[1,3]thiazolo[4,3-b][1,3]thiazole-3-carboxylic acid'
4 non-polymer 1,2-ETHANEDIOL
5 non-polymer 'DIMETHYL SULFOXIDE'
6 water water
#
_entity_poly.entity_id   1
_entity_poly.type   'polypeptide(L)'
_entity_poly.pdbx_seq_one_letter_code
;GPAESLPDLKIEKLDEGVYVHTSFEEVNGWGVVPKHGLVVLVNAEAYLIDTPFTAKDTEKLVTWFVERGYKIKGSISSHF
HSDSTGGIEWLNSRSIPTYASELTNELLKKDGKVQATNSFSGVNYWLVKNKIEVFYPGPGHTPDNVVVWLPERKILFGGC
FIKPYGLGNLGDANIEAWPKSAKLLKSKYGKAKLVVPSHSEVGDASLLKLTLEQAVKGLNESKKPSKPSN
;
_entity_poly.pdbx_strand_id   A,B,C,D
#
loop_
_chem_comp.id
_chem_comp.type
_chem_comp.name
_chem_comp.formula
9BZ non-polymer '(3~{R},5~{R},7~{a}~{S})-2,2-dimethyl-5-(sulfanylmethyl)-3,5,7,7~{a}-tetrahydro-[1,3]thiazolo[4,3-b][1,3]thiazole-3-carboxylic acid' 'C9 H15 N O2 S3'
DMS non-polymer 'DIMETHYL SULFOXIDE' 'C2 H6 O S'
EDO non-polymer 1,2-ETHANEDIOL 'C2 H6 O2'
ZN non-polymer 'ZINC ION' 'Zn 2'
#
# COMPACT_ATOMS: atom_id res chain seq x y z
N SER A 5 -14.24 -13.30 -13.60
CA SER A 5 -12.92 -12.83 -13.23
C SER A 5 -12.73 -12.87 -11.70
N LEU A 6 -12.12 -11.83 -11.15
CA LEU A 6 -11.88 -11.73 -9.72
C LEU A 6 -13.15 -11.64 -8.91
N PRO A 7 -13.15 -12.18 -7.72
CA PRO A 7 -14.37 -12.08 -6.89
C PRO A 7 -14.63 -10.65 -6.43
N ASP A 8 -15.87 -10.34 -6.10
CA ASP A 8 -16.26 -9.00 -5.70
C ASP A 8 -15.87 -8.68 -4.26
N LEU A 9 -15.76 -7.39 -3.98
CA LEU A 9 -15.58 -6.92 -2.61
C LEU A 9 -16.65 -7.49 -1.71
N LYS A 10 -16.25 -7.96 -0.53
CA LYS A 10 -17.19 -8.50 0.44
C LYS A 10 -17.16 -7.72 1.76
N ILE A 11 -18.32 -7.50 2.35
CA ILE A 11 -18.44 -6.81 3.64
C ILE A 11 -19.36 -7.58 4.60
N GLU A 12 -18.81 -7.99 5.73
CA GLU A 12 -19.53 -8.85 6.66
C GLU A 12 -19.44 -8.35 8.11
N LYS A 13 -20.57 -8.38 8.81
CA LYS A 13 -20.55 -7.98 10.22
C LYS A 13 -19.81 -9.02 11.05
N LEU A 14 -18.95 -8.55 11.95
CA LEU A 14 -18.16 -9.45 12.78
C LEU A 14 -18.60 -9.34 14.23
N ASP A 15 -18.93 -8.13 14.66
CA ASP A 15 -19.32 -7.88 16.04
C ASP A 15 -20.04 -6.54 16.03
N GLU A 16 -20.55 -6.08 17.16
CA GLU A 16 -21.28 -4.85 17.13
C GLU A 16 -20.36 -3.71 16.78
N GLY A 17 -20.76 -2.97 15.75
CA GLY A 17 -19.96 -1.87 15.24
C GLY A 17 -18.62 -2.26 14.62
N VAL A 18 -18.47 -3.51 14.24
CA VAL A 18 -17.21 -4.00 13.66
C VAL A 18 -17.45 -4.86 12.42
N TYR A 19 -16.89 -4.45 11.29
CA TYR A 19 -17.10 -5.15 10.03
C TYR A 19 -15.79 -5.64 9.40
N VAL A 20 -15.85 -6.80 8.76
CA VAL A 20 -14.72 -7.26 7.95
C VAL A 20 -14.98 -6.98 6.49
N HIS A 21 -14.04 -6.30 5.84
CA HIS A 21 -14.11 -6.17 4.40
C HIS A 21 -13.03 -7.01 3.75
N THR A 22 -13.36 -7.65 2.63
CA THR A 22 -12.45 -8.56 1.97
C THR A 22 -12.35 -8.23 0.48
N SER A 23 -11.14 -7.91 0.04
CA SER A 23 -10.93 -7.62 -1.38
C SER A 23 -10.00 -8.65 -1.99
N PHE A 24 -9.89 -8.64 -3.31
CA PHE A 24 -9.21 -9.73 -3.99
C PHE A 24 -8.34 -9.21 -5.11
N GLU A 25 -7.14 -9.78 -5.22
CA GLU A 25 -6.19 -9.41 -6.27
C GLU A 25 -5.45 -10.60 -6.82
N GLU A 26 -5.07 -10.50 -8.08
CA GLU A 26 -4.15 -11.45 -8.69
C GLU A 26 -2.75 -10.94 -8.44
N VAL A 27 -1.95 -11.75 -7.80
CA VAL A 27 -0.62 -11.34 -7.53
C VAL A 27 0.19 -12.30 -8.30
N ASN A 28 1.13 -11.82 -9.10
CA ASN A 28 1.88 -12.72 -9.94
C ASN A 28 2.61 -13.64 -9.02
N GLY A 29 2.56 -14.93 -9.29
CA GLY A 29 3.22 -15.90 -8.46
C GLY A 29 2.51 -16.53 -7.28
N TRP A 30 1.38 -15.95 -6.94
CA TRP A 30 0.60 -16.45 -5.83
C TRP A 30 -0.86 -16.71 -6.10
N GLY A 31 -1.33 -16.28 -7.26
CA GLY A 31 -2.73 -16.36 -7.68
C GLY A 31 -3.63 -15.36 -6.97
N VAL A 32 -4.87 -15.77 -6.69
CA VAL A 32 -5.83 -14.85 -6.07
C VAL A 32 -5.59 -14.75 -4.56
N VAL A 33 -5.29 -13.54 -4.11
CA VAL A 33 -5.02 -13.32 -2.70
C VAL A 33 -6.21 -12.61 -2.07
N PRO A 34 -6.75 -13.19 -0.99
CA PRO A 34 -7.79 -12.47 -0.25
C PRO A 34 -7.14 -11.50 0.71
N LYS A 35 -7.76 -10.35 0.97
CA LYS A 35 -7.25 -9.43 1.96
C LYS A 35 -8.36 -8.97 2.89
N HIS A 36 -8.22 -9.28 4.18
CA HIS A 36 -9.18 -8.81 5.16
C HIS A 36 -8.69 -7.52 5.80
N GLY A 37 -9.59 -6.56 5.91
CA GLY A 37 -9.39 -5.36 6.71
C GLY A 37 -10.65 -5.15 7.52
N LEU A 38 -10.69 -4.09 8.32
CA LEU A 38 -11.88 -3.79 9.11
C LEU A 38 -12.50 -2.44 8.76
N VAL A 39 -13.77 -2.30 9.08
CA VAL A 39 -14.40 -1.01 9.21
C VAL A 39 -15.00 -0.96 10.61
N VAL A 40 -14.53 -0.01 11.41
CA VAL A 40 -14.96 0.13 12.79
C VAL A 40 -15.86 1.35 12.95
N LEU A 41 -17.02 1.14 13.57
CA LEU A 41 -17.97 2.22 13.78
C LEU A 41 -17.92 2.80 15.18
N VAL A 42 -17.69 4.10 15.26
CA VAL A 42 -17.80 4.85 16.51
C VAL A 42 -18.95 5.84 16.37
N ASN A 43 -20.07 5.53 17.01
CA ASN A 43 -21.29 6.32 16.88
C ASN A 43 -21.74 6.32 15.42
N ALA A 44 -21.74 7.49 14.79
CA ALA A 44 -22.13 7.59 13.38
C ALA A 44 -20.90 7.80 12.50
N GLU A 45 -19.74 7.38 12.97
CA GLU A 45 -18.52 7.52 12.22
C GLU A 45 -17.79 6.23 11.94
N ALA A 46 -17.15 6.16 10.79
CA ALA A 46 -16.47 4.97 10.43
C ALA A 46 -14.98 5.14 10.19
N TYR A 47 -14.23 4.15 10.64
CA TYR A 47 -12.79 4.14 10.42
C TYR A 47 -12.41 2.92 9.61
N LEU A 48 -11.68 3.13 8.52
CA LEU A 48 -11.16 2.00 7.76
C LEU A 48 -9.87 1.51 8.41
N ILE A 49 -9.81 0.22 8.70
CA ILE A 49 -8.58 -0.40 9.16
C ILE A 49 -8.00 -1.16 7.97
N ASP A 50 -7.01 -0.54 7.34
CA ASP A 50 -6.49 -0.89 6.02
C ASP A 50 -7.49 -0.57 4.92
N THR A 51 -6.97 -0.19 3.76
CA THR A 51 -7.79 -0.02 2.57
C THR A 51 -7.75 -1.31 1.75
N PRO A 52 -8.74 -1.52 0.89
CA PRO A 52 -8.66 -2.60 -0.10
C PRO A 52 -7.46 -2.41 -1.04
N PHE A 53 -7.22 -3.39 -1.91
CA PHE A 53 -6.12 -3.31 -2.86
C PHE A 53 -6.15 -2.07 -3.73
N THR A 54 -7.37 -1.71 -4.17
CA THR A 54 -7.55 -0.73 -5.23
C THR A 54 -8.43 0.45 -4.83
N ALA A 55 -8.28 1.56 -5.56
CA ALA A 55 -9.14 2.71 -5.39
C ALA A 55 -10.60 2.32 -5.66
N LYS A 56 -10.81 1.46 -6.66
CA LYS A 56 -12.15 1.01 -7.00
C LYS A 56 -12.89 0.41 -5.80
N ASP A 57 -12.24 -0.52 -5.14
CA ASP A 57 -12.88 -1.20 -4.01
C ASP A 57 -12.89 -0.32 -2.76
N THR A 58 -11.88 0.56 -2.65
CA THR A 58 -11.88 1.52 -1.56
C THR A 58 -13.10 2.41 -1.71
N GLU A 59 -13.37 2.84 -2.94
CA GLU A 59 -14.56 3.63 -3.24
C GLU A 59 -15.84 2.87 -2.92
N LYS A 60 -15.90 1.61 -3.35
CA LYS A 60 -17.08 0.79 -3.08
C LYS A 60 -17.30 0.62 -1.58
N LEU A 61 -16.22 0.35 -0.85
CA LEU A 61 -16.27 0.19 0.59
C LEU A 61 -16.83 1.44 1.26
N VAL A 62 -16.33 2.59 0.84
CA VAL A 62 -16.75 3.87 1.41
C VAL A 62 -18.22 4.21 1.13
N THR A 63 -18.65 4.07 -0.13
CA THR A 63 -20.04 4.41 -0.46
C THR A 63 -21.01 3.49 0.26
N TRP A 64 -20.59 2.26 0.51
CA TRP A 64 -21.43 1.29 1.22
C TRP A 64 -21.81 1.79 2.60
N PHE A 65 -20.84 2.36 3.31
CA PHE A 65 -21.10 2.88 4.64
C PHE A 65 -21.75 4.25 4.62
N VAL A 66 -21.35 5.11 3.68
CA VAL A 66 -21.99 6.41 3.55
C VAL A 66 -23.47 6.25 3.18
N GLU A 67 -23.77 5.37 2.24
CA GLU A 67 -25.17 5.17 1.82
C GLU A 67 -26.01 4.67 2.98
N ARG A 68 -25.36 4.08 3.97
CA ARG A 68 -26.03 3.62 5.18
C ARG A 68 -25.88 4.61 6.33
N GLY A 69 -25.40 5.82 6.02
CA GLY A 69 -25.38 6.90 6.98
C GLY A 69 -24.16 7.09 7.86
N TYR A 70 -23.03 6.51 7.49
CA TYR A 70 -21.81 6.67 8.26
C TYR A 70 -20.80 7.59 7.57
N LYS A 71 -20.37 8.62 8.25
CA LYS A 71 -19.31 9.47 7.75
C LYS A 71 -17.97 8.79 7.94
N ILE A 72 -17.15 8.77 6.88
CA ILE A 72 -15.82 8.20 6.96
C ILE A 72 -14.87 9.22 7.58
N LYS A 73 -14.42 8.95 8.82
CA LYS A 73 -13.59 9.90 9.55
C LYS A 73 -12.10 9.72 9.28
N GLY A 74 -11.68 8.54 8.85
CA GLY A 74 -10.30 8.32 8.47
C GLY A 74 -9.97 6.87 8.19
N SER A 75 -8.75 6.62 7.72
CA SER A 75 -8.23 5.27 7.55
C SER A 75 -6.85 5.16 8.19
N ILE A 76 -6.51 3.94 8.61
CA ILE A 76 -5.20 3.62 9.16
C ILE A 76 -4.64 2.42 8.40
N SER A 77 -3.39 2.51 7.96
CA SER A 77 -2.75 1.41 7.25
C SER A 77 -1.75 0.70 8.15
N SER A 78 -1.86 -0.63 8.20
CA SER A 78 -1.08 -1.45 9.15
C SER A 78 0.35 -1.74 8.67
N HIS A 79 0.58 -1.59 7.36
CA HIS A 79 1.93 -1.62 6.81
C HIS A 79 1.89 -1.06 5.38
N PHE A 80 3.05 -0.94 4.75
CA PHE A 80 3.19 -0.15 3.52
C PHE A 80 2.78 -0.90 2.23
N HIS A 81 2.67 -2.23 2.26
CA HIS A 81 2.27 -2.96 1.06
C HIS A 81 0.91 -2.52 0.51
N SER A 82 0.71 -2.71 -0.79
CA SER A 82 -0.51 -2.27 -1.49
C SER A 82 -1.81 -2.77 -0.85
N ASP A 83 -1.81 -3.98 -0.32
CA ASP A 83 -3.06 -4.52 0.26
C ASP A 83 -3.51 -3.76 1.51
N SER A 84 -2.66 -2.91 2.07
CA SER A 84 -3.07 -2.05 3.19
C SER A 84 -3.18 -0.58 2.81
N THR A 85 -2.54 -0.18 1.72
CA THR A 85 -2.35 1.23 1.38
C THR A 85 -2.88 1.59 0.00
N GLY A 86 -3.32 0.59 -0.77
CA GLY A 86 -3.68 0.82 -2.16
C GLY A 86 -4.75 1.88 -2.38
N GLY A 87 -5.58 2.10 -1.37
CA GLY A 87 -6.64 3.09 -1.47
C GLY A 87 -6.35 4.48 -0.91
N ILE A 88 -5.13 4.71 -0.42
CA ILE A 88 -4.76 5.99 0.21
C ILE A 88 -4.91 7.20 -0.72
N GLU A 89 -4.39 7.06 -1.95
CA GLU A 89 -4.48 8.14 -2.94
C GLU A 89 -5.93 8.58 -3.20
N TRP A 90 -6.83 7.62 -3.42
CA TRP A 90 -8.24 7.93 -3.61
C TRP A 90 -8.85 8.60 -2.37
N LEU A 91 -8.52 8.07 -1.19
CA LEU A 91 -9.02 8.67 0.06
C LEU A 91 -8.50 10.10 0.21
N ASN A 92 -7.23 10.31 -0.10
CA ASN A 92 -6.64 11.65 -0.03
C ASN A 92 -7.35 12.62 -0.99
N SER A 93 -7.72 12.12 -2.16
CA SER A 93 -8.39 12.95 -3.15
C SER A 93 -9.81 13.33 -2.72
N ARG A 94 -10.35 12.61 -1.73
CA ARG A 94 -11.67 12.92 -1.20
C ARG A 94 -11.58 13.65 0.14
N SER A 95 -10.37 14.07 0.50
CA SER A 95 -10.11 14.73 1.79
C SER A 95 -10.56 13.91 2.98
N ILE A 96 -10.47 12.59 2.85
CA ILE A 96 -10.67 11.71 3.99
C ILE A 96 -9.29 11.47 4.57
N PRO A 97 -9.11 11.81 5.86
CA PRO A 97 -7.79 11.70 6.50
C PRO A 97 -7.21 10.28 6.48
N THR A 98 -5.96 10.16 6.05
CA THR A 98 -5.27 8.88 6.07
C THR A 98 -4.13 8.87 7.09
N TYR A 99 -3.96 7.74 7.76
CA TYR A 99 -2.96 7.58 8.82
C TYR A 99 -2.01 6.42 8.55
N ALA A 100 -0.74 6.61 8.87
CA ALA A 100 0.26 5.55 8.84
C ALA A 100 1.40 5.91 9.80
N SER A 101 2.20 4.94 10.21
CA SER A 101 3.35 5.24 11.06
C SER A 101 4.38 6.01 10.24
N GLU A 102 5.33 6.65 10.92
CA GLU A 102 6.43 7.34 10.24
C GLU A 102 7.19 6.40 9.33
N LEU A 103 7.49 5.23 9.83
CA LEU A 103 8.18 4.23 9.05
C LEU A 103 7.41 3.78 7.80
N THR A 104 6.12 3.57 7.92
CA THR A 104 5.27 3.22 6.78
C THR A 104 5.30 4.32 5.71
N ASN A 105 5.09 5.56 6.13
CA ASN A 105 5.15 6.69 5.21
C ASN A 105 6.54 6.84 4.59
N GLU A 106 7.57 6.54 5.36
CA GLU A 106 8.92 6.50 4.82
C GLU A 106 9.07 5.38 3.76
N LEU A 107 8.52 4.21 4.03
CA LEU A 107 8.68 3.10 3.11
C LEU A 107 7.86 3.34 1.84
N LEU A 108 6.72 4.02 1.98
CA LEU A 108 5.90 4.39 0.83
C LEU A 108 6.65 5.37 -0.07
N LYS A 109 7.24 6.39 0.55
CA LYS A 109 7.97 7.43 -0.16
C LYS A 109 9.15 6.83 -0.93
N LYS A 110 9.84 5.89 -0.31
CA LYS A 110 10.99 5.22 -0.94
C LYS A 110 10.58 4.47 -2.20
N ASP A 111 9.37 3.96 -2.20
CA ASP A 111 8.81 3.22 -3.29
C ASP A 111 8.10 4.09 -4.30
N GLY A 112 8.13 5.38 -4.10
CA GLY A 112 7.48 6.31 -4.99
C GLY A 112 5.97 6.28 -4.89
N LYS A 113 5.46 5.80 -3.75
CA LYS A 113 4.02 5.67 -3.55
C LYS A 113 3.49 6.85 -2.75
N VAL A 114 2.19 7.10 -2.86
CA VAL A 114 1.51 8.18 -2.12
C VAL A 114 1.48 7.91 -0.62
N GLN A 115 1.79 8.93 0.17
CA GLN A 115 1.83 8.80 1.62
C GLN A 115 0.49 9.16 2.27
N ALA A 116 0.26 8.62 3.46
CA ALA A 116 -0.87 9.07 4.27
C ALA A 116 -0.64 10.53 4.70
N THR A 117 -1.71 11.29 4.87
CA THR A 117 -1.57 12.70 5.22
C THR A 117 -1.18 12.89 6.69
N ASN A 118 -1.50 11.91 7.54
CA ASN A 118 -1.16 11.97 8.97
C ASN A 118 -0.29 10.81 9.39
N SER A 119 0.74 11.12 10.19
CA SER A 119 1.64 10.06 10.64
C SER A 119 1.80 10.07 12.16
N PHE A 120 2.21 8.93 12.70
CA PHE A 120 2.47 8.80 14.12
C PHE A 120 3.73 8.00 14.30
N SER A 121 4.45 8.23 15.40
CA SER A 121 5.59 7.39 15.73
C SER A 121 5.53 7.04 17.20
N GLY A 122 6.16 5.93 17.56
CA GLY A 122 6.08 5.41 18.92
C GLY A 122 5.37 4.08 18.94
N VAL A 123 5.56 3.35 20.04
CA VAL A 123 5.09 1.97 20.16
C VAL A 123 3.57 1.87 20.15
N ASN A 124 2.92 2.83 20.80
CA ASN A 124 1.47 2.88 20.93
C ASN A 124 0.90 4.19 20.37
N TYR A 125 -0.26 4.13 19.75
CA TYR A 125 -0.92 5.35 19.32
C TYR A 125 -2.42 5.13 19.33
N TRP A 126 -3.16 6.06 19.89
CA TRP A 126 -4.60 5.99 19.85
C TRP A 126 -5.14 6.73 18.62
N LEU A 127 -5.75 5.99 17.72
CA LEU A 127 -6.40 6.60 16.58
C LEU A 127 -7.67 7.25 17.09
N VAL A 128 -8.39 6.49 17.92
CA VAL A 128 -9.49 7.03 18.69
C VAL A 128 -9.32 6.58 20.12
N LYS A 129 -9.26 7.53 21.03
CA LYS A 129 -8.95 7.25 22.41
C LYS A 129 -9.92 6.29 23.04
N ASN A 130 -9.37 5.31 23.69
CA ASN A 130 -10.13 4.25 24.36
C ASN A 130 -10.98 3.38 23.44
N LYS A 131 -10.78 3.50 22.13
CA LYS A 131 -11.63 2.75 21.20
C LYS A 131 -10.82 1.99 20.15
N ILE A 132 -9.82 2.67 19.58
CA ILE A 132 -9.00 2.11 18.52
C ILE A 132 -7.52 2.39 18.76
N GLU A 133 -6.79 1.35 19.13
CA GLU A 133 -5.38 1.48 19.45
C GLU A 133 -4.48 0.86 18.36
N VAL A 134 -3.33 1.49 18.14
CA VAL A 134 -2.33 0.98 17.20
C VAL A 134 -1.12 0.55 18.01
N PHE A 135 -0.60 -0.64 17.73
CA PHE A 135 0.53 -1.16 18.47
C PHE A 135 1.62 -1.71 17.54
N TYR A 136 2.87 -1.35 17.84
CA TYR A 136 4.01 -1.84 17.10
C TYR A 136 4.77 -2.91 17.90
N PRO A 137 4.67 -4.19 17.47
CA PRO A 137 5.34 -5.29 18.18
C PRO A 137 6.80 -5.50 17.74
N GLY A 138 7.22 -4.79 16.71
CA GLY A 138 8.56 -4.96 16.15
C GLY A 138 8.47 -5.53 14.73
N PRO A 139 9.62 -5.62 14.04
CA PRO A 139 9.67 -6.15 12.67
C PRO A 139 9.20 -7.61 12.59
N GLY A 140 8.60 -7.96 11.46
CA GLY A 140 8.19 -9.32 11.19
C GLY A 140 8.02 -9.53 9.69
N HIS A 141 6.76 -9.59 9.26
CA HIS A 141 6.43 -9.60 7.84
C HIS A 141 7.07 -8.44 7.10
N THR A 142 7.00 -7.24 7.68
CA THR A 142 7.72 -6.07 7.16
C THR A 142 8.34 -5.32 8.35
N PRO A 143 9.24 -4.35 8.07
CA PRO A 143 9.81 -3.59 9.20
C PRO A 143 8.77 -2.78 9.97
N ASP A 144 7.74 -2.33 9.27
CA ASP A 144 6.81 -1.35 9.79
C ASP A 144 5.48 -1.91 10.31
N ASN A 145 5.25 -3.22 10.21
CA ASN A 145 3.92 -3.74 10.49
C ASN A 145 3.42 -3.44 11.91
N VAL A 146 2.19 -2.99 12.00
CA VAL A 146 1.53 -2.74 13.27
C VAL A 146 0.21 -3.49 13.34
N VAL A 147 -0.34 -3.63 14.54
CA VAL A 147 -1.66 -4.21 14.72
C VAL A 147 -2.63 -3.18 15.26
N VAL A 148 -3.93 -3.46 15.15
CA VAL A 148 -4.95 -2.56 15.66
C VAL A 148 -5.86 -3.28 16.66
N TRP A 149 -5.99 -2.70 17.84
CA TRP A 149 -6.69 -3.32 18.96
C TRP A 149 -7.98 -2.58 19.31
N LEU A 150 -9.06 -3.32 19.45
CA LEU A 150 -10.35 -2.75 19.85
C LEU A 150 -10.75 -3.23 21.25
N PRO A 151 -10.37 -2.45 22.28
CA PRO A 151 -10.52 -2.88 23.68
C PRO A 151 -11.96 -3.16 24.10
N GLU A 152 -12.93 -2.49 23.50
CA GLU A 152 -14.34 -2.68 23.87
C GLU A 152 -14.89 -4.02 23.37
N ARG A 153 -14.37 -4.50 22.25
CA ARG A 153 -14.81 -5.77 21.69
C ARG A 153 -13.79 -6.89 21.93
N LYS A 154 -12.63 -6.50 22.47
CA LYS A 154 -11.47 -7.40 22.58
C LYS A 154 -11.15 -8.06 21.24
N ILE A 155 -11.09 -7.26 20.20
CA ILE A 155 -10.78 -7.74 18.86
C ILE A 155 -9.45 -7.17 18.40
N LEU A 156 -8.58 -8.04 17.89
CA LEU A 156 -7.29 -7.61 17.36
C LEU A 156 -7.20 -7.82 15.86
N PHE A 157 -6.97 -6.74 15.12
CA PHE A 157 -6.64 -6.90 13.71
C PHE A 157 -5.14 -7.11 13.60
N GLY A 158 -4.75 -8.31 13.21
CA GLY A 158 -3.36 -8.71 13.22
C GLY A 158 -2.62 -8.35 11.95
N GLY A 159 -3.36 -8.10 10.87
CA GLY A 159 -2.76 -7.71 9.62
C GLY A 159 -1.99 -8.85 9.00
N CYS A 160 -0.95 -8.49 8.25
CA CYS A 160 -0.16 -9.48 7.52
C CYS A 160 0.95 -10.07 8.40
N PHE A 161 1.03 -9.58 9.64
CA PHE A 161 1.94 -10.13 10.64
C PHE A 161 1.52 -11.54 11.04
N ILE A 162 0.21 -11.74 11.17
CA ILE A 162 -0.35 -13.01 11.60
C ILE A 162 -0.31 -14.03 10.47
N LYS A 163 0.58 -15.00 10.59
CA LYS A 163 0.79 -15.98 9.56
C LYS A 163 0.80 -17.39 10.13
N PRO A 164 -0.36 -17.93 10.43
CA PRO A 164 -0.48 -19.17 11.22
C PRO A 164 -0.12 -20.46 10.49
N TYR A 165 -0.06 -20.49 9.16
CA TYR A 165 0.20 -21.75 8.45
C TYR A 165 1.40 -21.62 7.54
N GLY A 166 2.22 -20.60 7.77
CA GLY A 166 3.34 -20.30 6.89
C GLY A 166 3.50 -18.81 6.70
N LEU A 167 4.76 -18.39 6.63
CA LEU A 167 5.12 -16.97 6.65
C LEU A 167 4.80 -16.22 5.36
N GLY A 168 4.56 -16.93 4.28
CA GLY A 168 4.31 -16.30 2.99
C GLY A 168 5.57 -15.68 2.39
N ASN A 169 5.41 -14.64 1.61
CA ASN A 169 6.53 -13.96 0.96
C ASN A 169 7.44 -13.26 1.94
N LEU A 170 8.71 -13.64 1.96
CA LEU A 170 9.70 -13.07 2.88
C LEU A 170 10.55 -11.93 2.29
N GLY A 171 10.16 -11.44 1.12
CA GLY A 171 10.86 -10.35 0.44
C GLY A 171 11.27 -9.17 1.31
N ASP A 172 10.33 -8.66 2.11
CA ASP A 172 10.58 -7.54 3.00
C ASP A 172 10.56 -7.93 4.47
N ALA A 173 10.69 -9.22 4.76
CA ALA A 173 10.55 -9.69 6.13
C ALA A 173 11.85 -9.59 6.94
N ASN A 174 11.69 -9.57 8.26
CA ASN A 174 12.82 -9.61 9.17
C ASN A 174 12.73 -10.90 9.95
N ILE A 175 13.38 -11.93 9.43
CA ILE A 175 13.24 -13.27 9.94
C ILE A 175 13.89 -13.45 11.31
N GLU A 176 14.94 -12.71 11.58
CA GLU A 176 15.58 -12.71 12.88
C GLU A 176 14.72 -12.16 13.97
N ALA A 177 14.03 -11.06 13.68
CA ALA A 177 13.28 -10.32 14.69
C ALA A 177 11.87 -10.88 14.91
N TRP A 178 11.33 -11.55 13.89
CA TRP A 178 9.92 -11.96 13.90
C TRP A 178 9.52 -12.79 15.14
N PRO A 179 10.35 -13.76 15.55
CA PRO A 179 9.93 -14.50 16.75
C PRO A 179 9.79 -13.60 18.00
N LYS A 180 10.74 -12.69 18.18
CA LYS A 180 10.69 -11.78 19.33
C LYS A 180 9.48 -10.86 19.28
N SER A 181 9.17 -10.35 18.10
CA SER A 181 8.00 -9.50 17.90
C SER A 181 6.71 -10.26 18.18
N ALA A 182 6.64 -11.49 17.70
CA ALA A 182 5.45 -12.32 17.90
C ALA A 182 5.25 -12.66 19.38
N LYS A 183 6.35 -12.90 20.09
CA LYS A 183 6.26 -13.13 21.53
C LYS A 183 5.72 -11.90 22.25
N LEU A 184 6.20 -10.72 21.86
CA LEU A 184 5.67 -9.50 22.44
C LEU A 184 4.17 -9.37 22.15
N LEU A 185 3.78 -9.66 20.91
CA LEU A 185 2.38 -9.55 20.50
C LEU A 185 1.50 -10.50 21.33
N LYS A 186 1.98 -11.72 21.53
CA LYS A 186 1.27 -12.70 22.33
C LYS A 186 1.11 -12.25 23.77
N SER A 187 2.18 -11.71 24.34
CA SER A 187 2.16 -11.14 25.68
C SER A 187 1.03 -10.14 25.86
N LYS A 188 1.03 -9.13 25.01
CA LYS A 188 0.10 -8.03 25.08
C LYS A 188 -1.38 -8.37 24.85
N TYR A 189 -1.66 -9.24 23.92
CA TYR A 189 -3.04 -9.50 23.50
C TYR A 189 -3.50 -10.95 23.64
N GLY A 190 -2.92 -11.69 24.58
CA GLY A 190 -3.30 -13.08 24.79
C GLY A 190 -4.77 -13.27 25.14
N LYS A 191 -5.37 -12.20 25.66
CA LYS A 191 -6.78 -12.18 26.05
C LYS A 191 -7.70 -11.69 24.93
N ALA A 192 -7.16 -11.60 23.72
CA ALA A 192 -7.98 -11.26 22.57
C ALA A 192 -9.05 -12.32 22.39
N LYS A 193 -10.29 -11.88 22.23
CA LYS A 193 -11.42 -12.76 21.97
C LYS A 193 -11.43 -13.18 20.50
N LEU A 194 -11.08 -12.26 19.62
CA LEU A 194 -10.95 -12.56 18.21
C LEU A 194 -9.69 -11.95 17.65
N VAL A 195 -9.05 -12.67 16.74
CA VAL A 195 -7.90 -12.16 16.00
C VAL A 195 -8.22 -12.22 14.52
N VAL A 196 -8.06 -11.09 13.83
CA VAL A 196 -8.37 -11.00 12.42
C VAL A 196 -7.09 -10.87 11.62
N PRO A 197 -6.71 -11.92 10.89
CA PRO A 197 -5.55 -11.87 10.00
C PRO A 197 -5.91 -11.26 8.65
N SER A 198 -4.91 -10.78 7.92
CA SER A 198 -5.15 -10.25 6.58
C SER A 198 -5.51 -11.35 5.57
N HIS A 199 -4.85 -12.50 5.67
CA HIS A 199 -4.90 -13.47 4.58
C HIS A 199 -5.41 -14.87 4.96
N SER A 200 -6.04 -14.99 6.11
CA SER A 200 -6.57 -16.24 6.59
C SER A 200 -7.81 -15.94 7.39
N GLU A 201 -8.52 -16.95 7.82
CA GLU A 201 -9.76 -16.80 8.52
C GLU A 201 -9.66 -16.25 9.94
N VAL A 202 -10.71 -15.61 10.38
CA VAL A 202 -10.74 -15.12 11.75
C VAL A 202 -10.62 -16.28 12.73
N GLY A 203 -9.76 -16.13 13.73
CA GLY A 203 -9.68 -17.11 14.81
C GLY A 203 -9.69 -16.44 16.17
N ASP A 204 -9.25 -17.17 17.19
CA ASP A 204 -9.14 -16.60 18.53
C ASP A 204 -7.67 -16.34 18.84
N ALA A 205 -7.36 -16.21 20.12
CA ALA A 205 -6.00 -15.87 20.55
C ALA A 205 -4.97 -16.94 20.17
N SER A 206 -5.43 -18.12 19.78
CA SER A 206 -4.51 -19.20 19.43
C SER A 206 -3.70 -18.85 18.19
N LEU A 207 -4.24 -17.96 17.36
CA LEU A 207 -3.53 -17.51 16.16
C LEU A 207 -2.24 -16.78 16.49
N LEU A 208 -2.16 -16.23 17.70
CA LEU A 208 -0.95 -15.56 18.16
C LEU A 208 0.15 -16.56 18.41
N LYS A 209 -0.23 -17.68 19.03
CA LYS A 209 0.70 -18.76 19.31
C LYS A 209 1.23 -19.39 18.03
N LEU A 210 0.32 -19.69 17.10
CA LEU A 210 0.69 -20.31 15.84
C LEU A 210 1.63 -19.42 15.04
N THR A 211 1.39 -18.12 15.09
CA THR A 211 2.24 -17.15 14.40
C THR A 211 3.66 -17.18 14.98
N LEU A 212 3.74 -17.17 16.30
CA LEU A 212 5.00 -17.32 17.02
C LEU A 212 5.70 -18.63 16.65
N GLU A 213 4.94 -19.72 16.66
CA GLU A 213 5.47 -21.02 16.29
C GLU A 213 5.98 -21.05 14.85
N GLN A 214 5.21 -20.49 13.92
CA GLN A 214 5.65 -20.40 12.53
C GLN A 214 6.88 -19.51 12.38
N ALA A 215 6.93 -18.42 13.15
CA ALA A 215 8.08 -17.53 13.15
C ALA A 215 9.34 -18.25 13.64
N VAL A 216 9.23 -18.92 14.79
CA VAL A 216 10.35 -19.67 15.35
C VAL A 216 10.85 -20.75 14.40
N LYS A 217 9.89 -21.51 13.86
CA LYS A 217 10.19 -22.55 12.87
C LYS A 217 10.83 -21.96 11.62
N GLY A 218 10.35 -20.80 11.20
CA GLY A 218 10.89 -20.13 10.04
C GLY A 218 12.35 -19.72 10.22
N LEU A 219 12.68 -19.25 11.42
CA LEU A 219 14.05 -18.83 11.72
C LEU A 219 15.06 -19.99 11.72
N ASN A 220 14.74 -21.07 12.44
CA ASN A 220 15.63 -22.25 12.47
C ASN A 220 15.99 -22.81 11.10
N GLU A 221 14.98 -22.98 10.24
CA GLU A 221 15.24 -23.46 8.89
C GLU A 221 16.04 -22.46 8.06
N SER A 222 15.95 -21.18 8.39
CA SER A 222 16.76 -20.18 7.69
C SER A 222 18.23 -20.48 7.94
N LYS A 223 18.51 -21.19 9.04
CA LYS A 223 19.87 -21.56 9.42
C LYS A 223 20.03 -23.07 9.28
N SER B 5 -0.69 50.15 19.78
CA SER B 5 -1.30 48.86 19.47
C SER B 5 -0.30 47.77 19.65
N LEU B 6 -0.63 46.60 19.10
CA LEU B 6 0.22 45.42 19.29
C LEU B 6 1.49 45.52 18.48
N PRO B 7 2.64 45.32 19.14
CA PRO B 7 3.92 45.42 18.41
C PRO B 7 4.04 44.38 17.31
N ASP B 8 4.93 44.65 16.34
CA ASP B 8 5.10 43.75 15.23
C ASP B 8 5.92 42.54 15.62
N LEU B 9 5.77 41.48 14.85
CA LEU B 9 6.61 40.29 14.95
C LEU B 9 8.08 40.68 14.87
N LYS B 10 8.92 40.15 15.76
CA LYS B 10 10.35 40.35 15.68
C LYS B 10 11.09 39.06 15.33
N ILE B 11 12.12 39.17 14.52
CA ILE B 11 12.96 38.04 14.15
C ILE B 11 14.40 38.47 14.38
N GLU B 12 15.08 37.84 15.34
CA GLU B 12 16.45 38.17 15.68
C GLU B 12 17.42 37.01 15.74
N LYS B 13 18.61 37.19 15.19
CA LYS B 13 19.58 36.12 15.22
C LYS B 13 20.08 35.89 16.66
N LEU B 14 20.17 34.63 17.06
CA LEU B 14 20.58 34.28 18.41
C LEU B 14 21.94 33.59 18.41
N ASP B 15 22.16 32.77 17.38
CA ASP B 15 23.38 32.00 17.22
C ASP B 15 23.40 31.59 15.75
N GLU B 16 24.38 30.83 15.33
CA GLU B 16 24.40 30.44 13.95
C GLU B 16 23.30 29.48 13.64
N GLY B 17 22.56 29.84 12.63
CA GLY B 17 21.42 29.04 12.21
C GLY B 17 20.30 28.92 13.23
N VAL B 18 20.27 29.84 14.19
CA VAL B 18 19.24 29.83 15.24
C VAL B 18 18.69 31.23 15.45
N TYR B 19 17.39 31.37 15.24
CA TYR B 19 16.74 32.67 15.32
C TYR B 19 15.66 32.67 16.39
N VAL B 20 15.49 33.79 17.08
CA VAL B 20 14.36 33.93 18.00
C VAL B 20 13.27 34.75 17.32
N HIS B 21 12.05 34.21 17.27
CA HIS B 21 10.94 35.02 16.79
C HIS B 21 10.02 35.35 17.94
N THR B 22 9.50 36.58 17.94
CA THR B 22 8.68 37.07 19.03
C THR B 22 7.38 37.67 18.53
N SER B 23 6.26 37.12 18.98
CA SER B 23 4.96 37.69 18.64
C SER B 23 4.30 38.19 19.91
N PHE B 24 3.22 38.94 19.77
CA PHE B 24 2.65 39.65 20.93
C PHE B 24 1.14 39.58 20.96
N GLU B 25 0.61 39.40 22.16
CA GLU B 25 -0.83 39.36 22.35
C GLU B 25 -1.19 40.06 23.64
N GLU B 26 -2.36 40.64 23.70
CA GLU B 26 -2.83 41.17 24.95
C GLU B 26 -3.68 40.13 25.57
N VAL B 27 -3.43 39.85 26.83
CA VAL B 27 -4.27 38.94 27.59
C VAL B 27 -4.83 39.72 28.75
N ASN B 28 -6.11 39.56 29.04
CA ASN B 28 -6.72 40.36 30.09
C ASN B 28 -6.24 39.89 31.45
N GLY B 29 -5.75 40.82 32.26
CA GLY B 29 -5.16 40.52 33.55
C GLY B 29 -3.65 40.45 33.58
N TRP B 30 -3.01 40.42 32.40
CA TRP B 30 -1.56 40.32 32.32
C TRP B 30 -0.94 41.40 31.42
N GLY B 31 -1.80 42.12 30.71
CA GLY B 31 -1.38 43.12 29.76
C GLY B 31 -0.76 42.52 28.51
N VAL B 32 0.26 43.17 27.97
CA VAL B 32 0.90 42.70 26.74
C VAL B 32 1.90 41.59 27.05
N VAL B 33 1.64 40.41 26.49
CA VAL B 33 2.50 39.24 26.70
C VAL B 33 3.34 38.94 25.46
N PRO B 34 4.67 38.85 25.63
CA PRO B 34 5.54 38.42 24.54
C PRO B 34 5.61 36.91 24.42
N LYS B 35 5.77 36.39 23.21
CA LYS B 35 5.99 34.97 23.03
C LYS B 35 7.19 34.71 22.14
N HIS B 36 8.20 34.06 22.69
CA HIS B 36 9.37 33.66 21.92
C HIS B 36 9.26 32.23 21.42
N GLY B 37 9.62 32.03 20.16
CA GLY B 37 9.80 30.72 19.59
C GLY B 37 11.12 30.76 18.86
N LEU B 38 11.50 29.66 18.24
CA LEU B 38 12.72 29.61 17.43
C LEU B 38 12.46 29.29 15.95
N VAL B 39 13.42 29.69 15.13
CA VAL B 39 13.56 29.15 13.78
C VAL B 39 14.99 28.64 13.69
N VAL B 40 15.10 27.34 13.42
CA VAL B 40 16.38 26.67 13.33
C VAL B 40 16.65 26.27 11.87
N LEU B 41 17.82 26.60 11.34
CA LEU B 41 18.13 26.24 9.97
C LEU B 41 18.99 24.98 9.92
N VAL B 42 18.49 23.97 9.22
CA VAL B 42 19.22 22.76 8.92
C VAL B 42 19.45 22.63 7.41
N ASN B 43 20.70 22.73 6.98
CA ASN B 43 21.04 22.71 5.56
C ASN B 43 20.26 23.75 4.74
N ALA B 44 20.22 24.97 5.26
CA ALA B 44 19.56 26.11 4.60
C ALA B 44 18.05 25.92 4.42
N GLU B 45 17.46 25.08 5.26
CA GLU B 45 16.00 24.93 5.31
C GLU B 45 15.57 25.23 6.74
N ALA B 46 14.36 25.72 6.91
CA ALA B 46 13.95 26.20 8.23
C ALA B 46 12.92 25.33 8.93
N TYR B 47 13.13 25.18 10.23
CA TYR B 47 12.20 24.53 11.12
C TYR B 47 11.69 25.53 12.15
N LEU B 48 10.37 25.63 12.26
CA LEU B 48 9.76 26.44 13.31
C LEU B 48 9.66 25.66 14.62
N ILE B 49 10.16 26.26 15.70
CA ILE B 49 9.95 25.76 17.06
C ILE B 49 8.89 26.63 17.72
N ASP B 50 7.66 26.11 17.78
CA ASP B 50 6.45 26.88 18.11
C ASP B 50 6.07 27.85 16.99
N THR B 51 4.77 28.05 16.81
CA THR B 51 4.24 29.05 15.91
C THR B 51 3.93 30.31 16.71
N PRO B 52 3.88 31.47 16.05
CA PRO B 52 3.33 32.66 16.71
C PRO B 52 1.88 32.45 17.13
N PHE B 53 1.31 33.42 17.83
CA PHE B 53 -0.08 33.38 18.28
C PHE B 53 -1.06 33.19 17.14
N THR B 54 -0.80 33.88 16.03
CA THR B 54 -1.79 34.04 14.96
C THR B 54 -1.31 33.51 13.61
N ALA B 55 -2.26 33.23 12.72
CA ALA B 55 -1.97 32.90 11.34
C ALA B 55 -1.22 34.07 10.68
N LYS B 56 -1.62 35.30 11.00
CA LYS B 56 -0.97 36.49 10.46
C LYS B 56 0.53 36.53 10.71
N ASP B 57 0.94 36.36 11.97
CA ASP B 57 2.36 36.40 12.29
C ASP B 57 3.07 35.13 11.84
N THR B 58 2.35 34.02 11.78
CA THR B 58 2.91 32.79 11.22
C THR B 58 3.23 33.01 9.74
N GLU B 59 2.32 33.65 9.02
CA GLU B 59 2.54 33.94 7.60
C GLU B 59 3.76 34.83 7.39
N LYS B 60 3.86 35.90 8.17
CA LYS B 60 4.97 36.83 8.09
C LYS B 60 6.29 36.14 8.41
N LEU B 61 6.30 35.30 9.44
CA LEU B 61 7.49 34.55 9.82
C LEU B 61 7.96 33.65 8.69
N VAL B 62 7.01 32.90 8.12
CA VAL B 62 7.31 31.98 7.02
C VAL B 62 7.77 32.74 5.79
N THR B 63 7.04 33.80 5.46
CA THR B 63 7.34 34.59 4.28
C THR B 63 8.73 35.23 4.37
N TRP B 64 9.13 35.63 5.58
CA TRP B 64 10.44 36.24 5.78
C TRP B 64 11.59 35.31 5.40
N PHE B 65 11.47 34.04 5.77
CA PHE B 65 12.51 33.05 5.45
C PHE B 65 12.39 32.50 4.03
N VAL B 66 11.18 32.27 3.54
CA VAL B 66 10.98 31.81 2.18
C VAL B 66 11.51 32.85 1.16
N GLU B 67 11.24 34.11 1.41
CA GLU B 67 11.71 35.19 0.59
C GLU B 67 13.22 35.18 0.40
N ARG B 68 13.92 34.68 1.39
CA ARG B 68 15.37 34.65 1.38
C ARG B 68 15.91 33.30 0.99
N GLY B 69 15.03 32.45 0.48
CA GLY B 69 15.41 31.17 -0.10
C GLY B 69 15.44 30.05 0.92
N TYR B 70 14.83 30.25 2.09
CA TYR B 70 14.82 29.19 3.09
C TYR B 70 13.42 28.60 3.09
N LYS B 71 13.33 27.36 2.63
CA LYS B 71 12.10 26.59 2.63
C LYS B 71 11.72 26.14 4.01
N ILE B 72 10.44 26.22 4.33
CA ILE B 72 9.95 25.75 5.63
C ILE B 72 9.77 24.23 5.59
N LYS B 73 10.62 23.54 6.33
CA LYS B 73 10.66 22.08 6.27
C LYS B 73 9.64 21.49 7.28
N GLY B 74 9.34 22.23 8.33
CA GLY B 74 8.30 21.84 9.28
C GLY B 74 8.22 22.70 10.53
N SER B 75 7.20 22.48 11.36
CA SER B 75 7.12 23.11 12.66
C SER B 75 6.81 22.09 13.75
N ILE B 76 7.29 22.36 14.97
CA ILE B 76 7.03 21.54 16.14
C ILE B 76 6.45 22.46 17.24
N SER B 77 5.35 22.03 17.85
CA SER B 77 4.71 22.81 18.92
C SER B 77 4.98 22.18 20.29
N SER B 78 5.42 23.02 21.24
CA SER B 78 5.87 22.53 22.55
C SER B 78 4.74 22.23 23.55
N HIS B 79 3.56 22.81 23.34
CA HIS B 79 2.38 22.44 24.13
C HIS B 79 1.13 22.97 23.45
N PHE B 80 -0.04 22.69 24.02
CA PHE B 80 -1.30 22.85 23.29
C PHE B 80 -1.88 24.26 23.30
N HIS B 81 -1.41 25.12 24.21
CA HIS B 81 -1.88 26.50 24.25
C HIS B 81 -1.63 27.24 22.92
N SER B 82 -2.46 28.25 22.66
CA SER B 82 -2.40 29.02 21.40
C SER B 82 -1.05 29.65 21.07
N ASP B 83 -0.31 30.10 22.08
CA ASP B 83 0.95 30.77 21.82
C ASP B 83 1.99 29.82 21.22
N SER B 84 1.70 28.53 21.24
CA SER B 84 2.57 27.55 20.58
C SER B 84 1.94 26.94 19.32
N THR B 85 0.62 27.04 19.19
CA THR B 85 -0.11 26.26 18.19
C THR B 85 -1.00 27.05 17.22
N GLY B 86 -1.14 28.35 17.42
CA GLY B 86 -2.09 29.14 16.67
C GLY B 86 -1.91 29.12 15.16
N GLY B 87 -0.69 28.87 14.69
CA GLY B 87 -0.42 28.84 13.26
C GLY B 87 -0.46 27.47 12.57
N ILE B 88 -0.83 26.43 13.30
CA ILE B 88 -0.86 25.07 12.74
C ILE B 88 -1.80 24.95 11.55
N GLU B 89 -3.02 25.48 11.68
CA GLU B 89 -3.98 25.49 10.58
C GLU B 89 -3.43 26.15 9.31
N TRP B 90 -2.82 27.32 9.49
CA TRP B 90 -2.24 28.02 8.37
C TRP B 90 -1.14 27.19 7.73
N LEU B 91 -0.28 26.60 8.56
CA LEU B 91 0.81 25.76 8.07
C LEU B 91 0.26 24.51 7.35
N ASN B 92 -0.77 23.89 7.93
CA ASN B 92 -1.37 22.72 7.31
C ASN B 92 -1.91 23.03 5.92
N SER B 93 -2.55 24.19 5.77
CA SER B 93 -3.12 24.58 4.49
C SER B 93 -2.05 24.89 3.44
N ARG B 94 -0.81 25.10 3.86
CA ARG B 94 0.26 25.36 2.91
C ARG B 94 1.07 24.06 2.72
N SER B 95 0.53 22.97 3.22
CA SER B 95 1.15 21.64 3.16
C SER B 95 2.54 21.59 3.79
N ILE B 96 2.72 22.40 4.84
CA ILE B 96 3.92 22.33 5.66
C ILE B 96 3.70 21.37 6.80
N PRO B 97 4.56 20.35 6.95
CA PRO B 97 4.37 19.40 8.04
C PRO B 97 4.39 20.06 9.42
N THR B 98 3.38 19.75 10.23
CA THR B 98 3.29 20.23 11.59
C THR B 98 3.46 19.05 12.56
N TYR B 99 4.17 19.29 13.67
CA TYR B 99 4.46 18.24 14.64
C TYR B 99 4.02 18.63 16.05
N ALA B 100 3.49 17.65 16.78
CA ALA B 100 3.15 17.80 18.19
C ALA B 100 3.14 16.43 18.84
N SER B 101 3.21 16.37 20.17
CA SER B 101 3.13 15.09 20.85
C SER B 101 1.72 14.53 20.69
N GLU B 102 1.54 13.23 20.92
CA GLU B 102 0.22 12.64 20.90
C GLU B 102 -0.70 13.33 21.91
N LEU B 103 -0.17 13.58 23.08
CA LEU B 103 -0.90 14.28 24.11
C LEU B 103 -1.30 15.70 23.73
N THR B 104 -0.37 16.44 23.17
CA THR B 104 -0.67 17.80 22.70
C THR B 104 -1.82 17.77 21.68
N ASN B 105 -1.75 16.85 20.72
CA ASN B 105 -2.83 16.71 19.75
C ASN B 105 -4.16 16.29 20.40
N GLU B 106 -4.09 15.47 21.42
CA GLU B 106 -5.25 15.12 22.19
C GLU B 106 -5.86 16.31 22.89
N LEU B 107 -5.02 17.13 23.48
CA LEU B 107 -5.51 18.30 24.20
C LEU B 107 -6.02 19.37 23.24
N LEU B 108 -5.39 19.46 22.06
CA LEU B 108 -5.85 20.37 21.01
C LEU B 108 -7.25 19.97 20.52
N LYS B 109 -7.44 18.68 20.29
CA LYS B 109 -8.70 18.18 19.81
C LYS B 109 -9.83 18.47 20.79
N LYS B 110 -9.57 18.23 22.07
CA LYS B 110 -10.55 18.46 23.12
C LYS B 110 -10.87 19.95 23.22
N ASP B 111 -9.90 20.78 22.87
CA ASP B 111 -10.03 22.24 22.93
C ASP B 111 -10.67 22.80 21.65
N GLY B 112 -11.09 21.91 20.76
CA GLY B 112 -11.71 22.32 19.51
C GLY B 112 -10.73 22.88 18.50
N LYS B 113 -9.44 22.56 18.68
CA LYS B 113 -8.41 23.09 17.80
C LYS B 113 -7.95 22.09 16.72
N VAL B 114 -7.40 22.65 15.65
CA VAL B 114 -6.81 21.86 14.58
C VAL B 114 -5.52 21.21 15.07
N GLN B 115 -5.33 19.94 14.73
CA GLN B 115 -4.17 19.17 15.18
C GLN B 115 -2.99 19.23 14.21
N ALA B 116 -1.79 18.97 14.73
CA ALA B 116 -0.62 18.74 13.89
C ALA B 116 -0.78 17.47 13.08
N THR B 117 -0.23 17.47 11.87
CA THR B 117 -0.36 16.35 10.95
C THR B 117 0.56 15.21 11.36
N ASN B 118 1.60 15.51 12.14
CA ASN B 118 2.49 14.47 12.63
C ASN B 118 2.58 14.44 14.15
N SER B 119 2.48 13.24 14.71
CA SER B 119 2.49 13.10 16.16
C SER B 119 3.56 12.11 16.59
N PHE B 120 3.97 12.23 17.84
CA PHE B 120 4.93 11.32 18.44
C PHE B 120 4.56 11.10 19.90
N SER B 121 4.95 9.95 20.43
CA SER B 121 4.77 9.68 21.83
C SER B 121 6.08 9.16 22.37
N GLY B 122 6.28 9.31 23.67
CA GLY B 122 7.52 8.90 24.27
C GLY B 122 8.32 10.09 24.75
N VAL B 123 9.25 9.82 25.65
CA VAL B 123 10.02 10.83 26.34
C VAL B 123 10.96 11.58 25.40
N ASN B 124 11.57 10.86 24.49
CA ASN B 124 12.53 11.42 23.55
C ASN B 124 12.15 11.20 22.10
N TYR B 125 12.31 12.22 21.28
CA TYR B 125 11.98 12.14 19.87
C TYR B 125 12.94 13.03 19.08
N TRP B 126 13.48 12.51 18.00
CA TRP B 126 14.35 13.30 17.16
C TRP B 126 13.59 13.88 15.99
N LEU B 127 13.50 15.19 15.95
CA LEU B 127 12.88 15.85 14.81
C LEU B 127 13.87 15.83 13.64
N VAL B 128 15.11 16.17 13.93
CA VAL B 128 16.22 15.99 12.99
C VAL B 128 17.39 15.37 13.73
N LYS B 129 17.90 14.25 13.22
CA LYS B 129 18.88 13.45 13.94
C LYS B 129 20.13 14.27 14.25
N ASN B 130 20.41 14.35 15.53
CA ASN B 130 21.58 15.00 16.06
C ASN B 130 21.53 16.52 15.98
N LYS B 131 20.40 17.06 15.57
CA LYS B 131 20.24 18.51 15.40
C LYS B 131 19.08 19.10 16.21
N ILE B 132 17.92 18.44 16.17
CA ILE B 132 16.77 18.95 16.90
C ILE B 132 16.06 17.83 17.69
N GLU B 133 16.20 17.84 18.99
CA GLU B 133 15.62 16.82 19.85
C GLU B 133 14.49 17.32 20.70
N VAL B 134 13.47 16.51 20.91
CA VAL B 134 12.36 16.84 21.77
C VAL B 134 12.40 15.97 23.02
N PHE B 135 12.21 16.58 24.18
CA PHE B 135 12.24 15.87 25.46
C PHE B 135 11.03 16.23 26.32
N TYR B 136 10.42 15.22 26.93
CA TYR B 136 9.31 15.42 27.85
C TYR B 136 9.79 15.29 29.28
N PRO B 137 9.86 16.42 30.02
CA PRO B 137 10.36 16.36 31.39
C PRO B 137 9.27 15.98 32.40
N GLY B 138 8.02 15.88 31.94
CA GLY B 138 6.91 15.61 32.82
C GLY B 138 5.98 16.81 32.91
N PRO B 139 4.83 16.64 33.58
CA PRO B 139 3.86 17.74 33.73
C PRO B 139 4.45 18.92 34.48
N GLY B 140 4.03 20.13 34.12
CA GLY B 140 4.42 21.35 34.80
C GLY B 140 3.45 22.48 34.54
N HIS B 141 3.85 23.42 33.70
CA HIS B 141 2.96 24.46 33.17
C HIS B 141 1.70 23.83 32.55
N THR B 142 1.88 22.77 31.77
CA THR B 142 0.76 21.97 31.29
C THR B 142 1.11 20.49 31.40
N PRO B 143 0.12 19.59 31.23
CA PRO B 143 0.46 18.16 31.27
C PRO B 143 1.39 17.74 30.14
N ASP B 144 1.31 18.44 29.00
CA ASP B 144 1.96 17.97 27.78
C ASP B 144 3.26 18.68 27.40
N ASN B 145 3.68 19.69 28.17
CA ASN B 145 4.80 20.54 27.75
C ASN B 145 6.11 19.78 27.52
N VAL B 146 6.74 20.08 26.38
CA VAL B 146 8.04 19.51 26.04
C VAL B 146 9.03 20.63 25.78
N VAL B 147 10.31 20.27 25.80
CA VAL B 147 11.38 21.20 25.47
C VAL B 147 12.06 20.74 24.18
N VAL B 148 12.80 21.65 23.55
CA VAL B 148 13.52 21.32 22.33
C VAL B 148 15.00 21.62 22.52
N TRP B 149 15.83 20.62 22.24
CA TRP B 149 17.26 20.72 22.49
C TRP B 149 18.04 20.73 21.19
N LEU B 150 18.93 21.72 21.05
CA LEU B 150 19.81 21.83 19.88
C LEU B 150 21.25 21.54 20.27
N PRO B 151 21.67 20.26 20.15
CA PRO B 151 22.96 19.81 20.69
C PRO B 151 24.20 20.47 20.07
N GLU B 152 24.13 20.89 18.81
CA GLU B 152 25.31 21.48 18.17
C GLU B 152 25.58 22.88 18.70
N ARG B 153 24.53 23.56 19.12
CA ARG B 153 24.65 24.90 19.67
C ARG B 153 24.52 24.88 21.20
N LYS B 154 24.19 23.72 21.77
CA LYS B 154 23.87 23.61 23.20
C LYS B 154 22.87 24.69 23.62
N ILE B 155 21.81 24.81 22.84
CA ILE B 155 20.74 25.77 23.10
C ILE B 155 19.46 24.99 23.44
N LEU B 156 18.80 25.38 24.53
CA LEU B 156 17.54 24.75 24.92
C LEU B 156 16.36 25.69 24.77
N PHE B 157 15.37 25.31 23.97
CA PHE B 157 14.12 26.06 23.99
C PHE B 157 13.25 25.46 25.10
N GLY B 158 13.04 26.25 26.14
CA GLY B 158 12.36 25.75 27.33
C GLY B 158 10.86 25.90 27.24
N GLY B 159 10.40 26.79 26.38
CA GLY B 159 8.97 26.97 26.23
C GLY B 159 8.36 27.63 27.45
N CYS B 160 7.09 27.31 27.69
CA CYS B 160 6.35 27.94 28.79
C CYS B 160 6.59 27.23 30.12
N PHE B 161 7.40 26.17 30.08
CA PHE B 161 7.83 25.45 31.27
C PHE B 161 8.76 26.32 32.11
N ILE B 162 9.64 27.03 31.42
CA ILE B 162 10.66 27.87 32.04
C ILE B 162 10.05 29.17 32.57
N LYS B 163 9.88 29.26 33.87
CA LYS B 163 9.30 30.43 34.48
C LYS B 163 10.18 30.91 35.62
N PRO B 164 11.20 31.67 35.32
CA PRO B 164 12.21 32.03 36.33
C PRO B 164 11.78 33.07 37.37
N TYR B 165 10.73 33.83 37.11
CA TYR B 165 10.32 34.90 38.05
C TYR B 165 8.89 34.75 38.52
N GLY B 166 8.32 33.57 38.35
CA GLY B 166 6.92 33.33 38.68
C GLY B 166 6.24 32.43 37.67
N LEU B 167 5.38 31.55 38.18
CA LEU B 167 4.79 30.47 37.40
C LEU B 167 3.70 30.94 36.42
N GLY B 168 3.15 32.12 36.65
CA GLY B 168 2.09 32.64 35.82
C GLY B 168 0.76 31.93 36.04
N ASN B 169 -0.05 31.87 34.98
CA ASN B 169 -1.37 31.25 35.05
C ASN B 169 -1.31 29.74 35.27
N LEU B 170 -1.88 29.29 36.39
CA LEU B 170 -1.86 27.88 36.78
C LEU B 170 -3.09 27.08 36.35
N GLY B 171 -3.93 27.69 35.52
CA GLY B 171 -5.15 27.05 35.02
C GLY B 171 -5.04 25.61 34.58
N ASP B 172 -4.04 25.31 33.75
CA ASP B 172 -3.85 23.95 33.27
C ASP B 172 -2.60 23.33 33.85
N ALA B 173 -2.10 23.91 34.94
CA ALA B 173 -0.83 23.49 35.51
C ALA B 173 -0.99 22.30 36.44
N ASN B 174 0.13 21.59 36.65
CA ASN B 174 0.20 20.50 37.59
C ASN B 174 1.22 20.88 38.64
N ILE B 175 0.74 21.50 39.71
CA ILE B 175 1.64 22.10 40.69
C ILE B 175 2.39 21.03 41.50
N GLU B 176 1.78 19.86 41.67
CA GLU B 176 2.45 18.75 42.36
C GLU B 176 3.65 18.19 41.61
N ALA B 177 3.51 18.05 40.29
CA ALA B 177 4.53 17.36 39.51
C ALA B 177 5.66 18.29 39.08
N TRP B 178 5.37 19.59 38.98
CA TRP B 178 6.28 20.56 38.38
C TRP B 178 7.71 20.59 38.97
N PRO B 179 7.85 20.56 40.32
CA PRO B 179 9.23 20.58 40.84
C PRO B 179 10.06 19.36 40.41
N LYS B 180 9.46 18.18 40.40
CA LYS B 180 10.16 16.97 40.00
C LYS B 180 10.56 17.06 38.52
N SER B 181 9.66 17.58 37.69
CA SER B 181 9.94 17.75 36.27
C SER B 181 11.09 18.75 36.06
N ALA B 182 11.04 19.86 36.79
CA ALA B 182 12.06 20.89 36.68
C ALA B 182 13.41 20.36 37.15
N LYS B 183 13.38 19.51 38.17
CA LYS B 183 14.58 18.86 38.68
C LYS B 183 15.23 18.00 37.60
N LEU B 184 14.41 17.20 36.92
CA LEU B 184 14.85 16.35 35.83
C LEU B 184 15.40 17.18 34.66
N LEU B 185 14.71 18.26 34.33
CA LEU B 185 15.14 19.12 33.23
C LEU B 185 16.51 19.73 33.54
N LYS B 186 16.69 20.15 34.78
CA LYS B 186 17.94 20.73 35.24
C LYS B 186 19.10 19.74 35.18
N SER B 187 18.88 18.52 35.65
CA SER B 187 19.87 17.45 35.54
C SER B 187 20.37 17.25 34.10
N LYS B 188 19.41 17.04 33.22
CA LYS B 188 19.66 16.69 31.84
C LYS B 188 20.35 17.73 31.02
N TYR B 189 20.02 18.98 31.26
CA TYR B 189 20.49 20.09 30.43
C TYR B 189 21.27 21.14 31.20
N GLY B 190 21.95 20.73 32.27
CA GLY B 190 22.78 21.63 33.05
C GLY B 190 23.91 22.28 32.27
N LYS B 191 24.28 21.67 31.15
CA LYS B 191 25.32 22.21 30.29
C LYS B 191 24.81 23.16 29.24
N ALA B 192 23.55 23.55 29.33
CA ALA B 192 22.97 24.47 28.37
C ALA B 192 23.76 25.78 28.32
N LYS B 193 24.13 26.20 27.11
CA LYS B 193 24.84 27.46 26.93
C LYS B 193 23.80 28.58 26.94
N LEU B 194 22.64 28.30 26.35
CA LEU B 194 21.51 29.22 26.38
C LEU B 194 20.18 28.51 26.67
N VAL B 195 19.32 29.18 27.44
CA VAL B 195 17.98 28.69 27.69
C VAL B 195 16.99 29.75 27.23
N VAL B 196 16.05 29.35 26.36
CA VAL B 196 15.10 30.29 25.80
C VAL B 196 13.70 30.03 26.34
N PRO B 197 13.20 30.93 27.21
CA PRO B 197 11.83 30.82 27.71
C PRO B 197 10.82 31.40 26.73
N SER B 198 9.56 31.00 26.86
CA SER B 198 8.52 31.57 26.03
C SER B 198 8.21 33.03 26.39
N HIS B 199 8.21 33.32 27.68
CA HIS B 199 7.64 34.59 28.16
C HIS B 199 8.61 35.46 28.94
N SER B 200 9.89 35.11 28.87
CA SER B 200 10.93 35.95 29.46
C SER B 200 12.09 35.91 28.48
N GLU B 201 13.06 36.75 28.69
CA GLU B 201 14.19 36.84 27.80
C GLU B 201 15.18 35.70 27.93
N VAL B 202 15.94 35.44 26.88
CA VAL B 202 16.94 34.37 26.90
C VAL B 202 17.94 34.58 28.02
N GLY B 203 18.24 33.51 28.75
CA GLY B 203 19.30 33.53 29.75
C GLY B 203 20.23 32.35 29.58
N ASP B 204 20.99 32.04 30.63
CA ASP B 204 21.88 30.89 30.62
C ASP B 204 21.26 29.75 31.41
N ALA B 205 22.06 28.75 31.77
CA ALA B 205 21.54 27.56 32.43
C ALA B 205 20.92 27.86 33.80
N SER B 206 21.22 29.04 34.35
CA SER B 206 20.70 29.41 35.66
C SER B 206 19.17 29.47 35.67
N LEU B 207 18.59 29.67 34.48
CA LEU B 207 17.14 29.70 34.34
C LEU B 207 16.49 28.36 34.69
N LEU B 208 17.25 27.27 34.58
CA LEU B 208 16.74 25.97 34.99
C LEU B 208 16.65 25.93 36.51
N LYS B 209 17.66 26.48 37.15
CA LYS B 209 17.71 26.59 38.61
C LYS B 209 16.57 27.48 39.13
N LEU B 210 16.41 28.66 38.52
CA LEU B 210 15.38 29.60 38.93
C LEU B 210 13.98 29.02 38.76
N THR B 211 13.78 28.29 37.66
CA THR B 211 12.49 27.65 37.38
C THR B 211 12.15 26.57 38.42
N LEU B 212 13.12 25.74 38.76
CA LEU B 212 12.94 24.76 39.83
C LEU B 212 12.56 25.43 41.15
N GLU B 213 13.30 26.47 41.53
CA GLU B 213 13.02 27.19 42.78
C GLU B 213 11.61 27.81 42.79
N GLN B 214 11.21 28.41 41.68
CA GLN B 214 9.86 28.95 41.55
C GLN B 214 8.82 27.84 41.67
N ALA B 215 9.13 26.67 41.13
CA ALA B 215 8.23 25.52 41.20
C ALA B 215 7.97 25.04 42.64
N VAL B 216 9.05 24.84 43.41
CA VAL B 216 8.92 24.39 44.79
C VAL B 216 8.17 25.46 45.58
N LYS B 217 8.56 26.70 45.34
CA LYS B 217 7.92 27.83 45.98
C LYS B 217 6.43 27.85 45.69
N GLY B 218 6.06 27.54 44.45
CA GLY B 218 4.66 27.51 44.06
C GLY B 218 3.89 26.43 44.78
N LEU B 219 4.51 25.25 44.90
CA LEU B 219 3.89 24.10 45.56
C LEU B 219 3.71 24.35 47.05
N ASN B 220 4.75 24.83 47.71
CA ASN B 220 4.67 25.17 49.14
C ASN B 220 3.52 26.13 49.45
N GLU B 221 3.38 27.16 48.63
CA GLU B 221 2.31 28.13 48.83
C GLU B 221 0.92 27.52 48.65
N SER B 222 0.80 26.52 47.77
CA SER B 222 -0.47 25.83 47.57
C SER B 222 -0.93 25.05 48.79
N LYS B 223 0.02 24.68 49.64
CA LYS B 223 -0.29 23.87 50.81
C LYS B 223 -0.06 24.64 52.10
N SER C 5 -9.50 27.22 -7.53
CA SER C 5 -10.19 26.87 -8.77
C SER C 5 -9.17 26.63 -9.87
N LEU C 6 -9.56 25.83 -10.85
CA LEU C 6 -8.64 25.37 -11.85
C LEU C 6 -8.55 26.27 -13.07
N PRO C 7 -7.40 26.37 -13.68
CA PRO C 7 -7.31 27.16 -14.89
C PRO C 7 -8.17 26.49 -15.93
N ASP C 8 -8.61 27.28 -16.89
CA ASP C 8 -9.41 26.81 -18.02
C ASP C 8 -8.59 25.97 -18.99
N LEU C 9 -9.28 25.12 -19.74
CA LEU C 9 -8.68 24.37 -20.84
C LEU C 9 -7.98 25.31 -21.82
N LYS C 10 -6.78 24.94 -22.26
CA LYS C 10 -6.03 25.74 -23.21
C LYS C 10 -5.82 24.96 -24.50
N ILE C 11 -5.90 25.66 -25.63
CA ILE C 11 -5.65 25.07 -26.93
C ILE C 11 -4.68 25.96 -27.69
N GLU C 12 -3.50 25.42 -27.99
CA GLU C 12 -2.44 26.22 -28.60
C GLU C 12 -1.80 25.50 -29.78
N LYS C 13 -1.54 26.25 -30.85
CA LYS C 13 -0.89 25.67 -32.02
C LYS C 13 0.57 25.34 -31.71
N LEU C 14 1.01 24.18 -32.17
CA LEU C 14 2.39 23.76 -31.93
C LEU C 14 3.16 23.74 -33.24
N ASP C 15 2.48 23.33 -34.30
CA ASP C 15 3.09 23.20 -35.62
C ASP C 15 1.94 23.13 -36.61
N GLU C 16 2.25 22.94 -37.90
CA GLU C 16 1.17 22.83 -38.89
C GLU C 16 0.30 21.61 -38.63
N GLY C 17 -0.99 21.87 -38.44
CA GLY C 17 -1.96 20.82 -38.19
C GLY C 17 -1.78 20.09 -36.88
N VAL C 18 -1.07 20.70 -35.94
CA VAL C 18 -0.83 20.04 -34.65
C VAL C 18 -1.06 21.01 -33.50
N TYR C 19 -2.01 20.68 -32.63
CA TYR C 19 -2.33 21.53 -31.49
C TYR C 19 -2.09 20.82 -30.16
N VAL C 20 -1.66 21.58 -29.16
CA VAL C 20 -1.53 21.05 -27.80
C VAL C 20 -2.71 21.50 -26.95
N HIS C 21 -3.42 20.56 -26.35
CA HIS C 21 -4.46 20.93 -25.40
C HIS C 21 -4.02 20.62 -23.97
N THR C 22 -4.34 21.52 -23.06
CA THR C 22 -3.88 21.43 -21.68
C THR C 22 -5.04 21.58 -20.71
N SER C 23 -5.24 20.57 -19.88
CA SER C 23 -6.25 20.63 -18.84
C SER C 23 -5.56 20.53 -17.48
N PHE C 24 -6.31 20.77 -16.42
CA PHE C 24 -5.70 20.91 -15.10
C PHE C 24 -6.49 20.22 -13.99
N GLU C 25 -5.76 19.63 -13.04
CA GLU C 25 -6.40 19.03 -11.89
C GLU C 25 -5.59 19.33 -10.63
N GLU C 26 -6.24 19.42 -9.48
CA GLU C 26 -5.50 19.57 -8.25
C GLU C 26 -5.34 18.20 -7.65
N VAL C 27 -4.11 17.88 -7.28
CA VAL C 27 -3.70 16.64 -6.66
C VAL C 27 -3.09 16.91 -5.30
N ASN C 28 -3.35 16.01 -4.34
CA ASN C 28 -2.88 16.22 -2.99
C ASN C 28 -1.36 16.03 -2.95
N GLY C 29 -0.66 17.04 -2.46
CA GLY C 29 0.79 17.02 -2.33
C GLY C 29 1.58 17.67 -3.46
N TRP C 30 0.89 17.94 -4.57
CA TRP C 30 1.50 18.62 -5.69
C TRP C 30 0.82 19.94 -6.09
N GLY C 31 -0.42 20.15 -5.66
CA GLY C 31 -1.24 21.25 -6.12
C GLY C 31 -1.79 21.06 -7.52
N VAL C 32 -1.82 22.14 -8.31
CA VAL C 32 -2.39 22.10 -9.66
C VAL C 32 -1.45 21.46 -10.67
N VAL C 33 -1.90 20.35 -11.26
CA VAL C 33 -1.11 19.60 -12.23
C VAL C 33 -1.64 19.81 -13.65
N PRO C 34 -0.76 20.18 -14.59
CA PRO C 34 -1.15 20.27 -16.00
C PRO C 34 -1.11 18.93 -16.71
N LYS C 35 -1.99 18.75 -17.70
CA LYS C 35 -1.97 17.58 -18.57
C LYS C 35 -2.04 18.00 -20.03
N HIS C 36 -0.98 17.70 -20.77
CA HIS C 36 -0.91 18.02 -22.19
C HIS C 36 -1.34 16.82 -23.04
N GLY C 37 -2.17 17.08 -24.03
CA GLY C 37 -2.49 16.11 -25.07
C GLY C 37 -2.39 16.81 -26.41
N LEU C 38 -2.64 16.08 -27.50
CA LEU C 38 -2.62 16.70 -28.83
C LEU C 38 -3.95 16.64 -29.55
N VAL C 39 -4.11 17.56 -30.49
CA VAL C 39 -5.14 17.42 -31.50
C VAL C 39 -4.44 17.48 -32.85
N VAL C 40 -4.55 16.40 -33.62
CA VAL C 40 -3.88 16.32 -34.91
C VAL C 40 -4.87 16.45 -36.06
N LEU C 41 -4.60 17.39 -36.96
CA LEU C 41 -5.50 17.62 -38.08
C LEU C 41 -4.98 16.97 -39.35
N VAL C 42 -5.76 16.08 -39.94
CA VAL C 42 -5.46 15.56 -41.28
C VAL C 42 -6.60 15.92 -42.22
N ASN C 43 -6.31 16.63 -43.29
CA ASN C 43 -7.38 17.21 -44.10
C ASN C 43 -8.26 18.06 -43.19
N ALA C 44 -9.55 17.85 -43.21
CA ALA C 44 -10.42 18.58 -42.34
C ALA C 44 -10.85 17.74 -41.17
N GLU C 45 -10.12 16.68 -40.90
CA GLU C 45 -10.46 15.81 -39.81
C GLU C 45 -9.56 15.99 -38.59
N ALA C 46 -10.11 15.87 -37.39
CA ALA C 46 -9.29 16.00 -36.17
C ALA C 46 -9.21 14.69 -35.40
N TYR C 47 -8.02 14.37 -34.90
CA TYR C 47 -7.82 13.22 -34.03
C TYR C 47 -7.37 13.70 -32.66
N LEU C 48 -8.07 13.27 -31.61
CA LEU C 48 -7.61 13.59 -30.25
C LEU C 48 -6.52 12.62 -29.84
N ILE C 49 -5.39 13.15 -29.41
CA ILE C 49 -4.35 12.32 -28.81
C ILE C 49 -4.44 12.52 -27.30
N ASP C 50 -5.08 11.57 -26.63
CA ASP C 50 -5.54 11.66 -25.23
C ASP C 50 -6.73 12.61 -25.08
N THR C 51 -7.62 12.29 -24.14
CA THR C 51 -8.70 13.18 -23.74
C THR C 51 -8.28 13.95 -22.48
N PRO C 52 -8.92 15.10 -22.22
CA PRO C 52 -8.74 15.77 -20.93
C PRO C 52 -9.19 14.91 -19.75
N PHE C 53 -8.96 15.40 -18.53
CA PHE C 53 -9.35 14.69 -17.30
C PHE C 53 -10.83 14.38 -17.27
N THR C 54 -11.64 15.34 -17.71
CA THR C 54 -13.08 15.29 -17.49
C THR C 54 -13.87 15.29 -18.79
N ALA C 55 -15.11 14.80 -18.71
CA ALA C 55 -16.03 14.87 -19.84
C ALA C 55 -16.30 16.31 -20.23
N LYS C 56 -16.42 17.18 -19.22
CA LYS C 56 -16.66 18.59 -19.44
C LYS C 56 -15.61 19.22 -20.36
N ASP C 57 -14.34 19.00 -20.05
CA ASP C 57 -13.27 19.59 -20.86
C ASP C 57 -13.12 18.91 -22.22
N THR C 58 -13.46 17.63 -22.29
CA THR C 58 -13.46 16.90 -23.55
C THR C 58 -14.49 17.53 -24.49
N GLU C 59 -15.65 17.86 -23.94
CA GLU C 59 -16.70 18.56 -24.68
C GLU C 59 -16.23 19.93 -25.20
N LYS C 60 -15.60 20.71 -24.33
CA LYS C 60 -15.08 22.01 -24.74
C LYS C 60 -14.05 21.85 -25.85
N LEU C 61 -13.16 20.86 -25.69
CA LEU C 61 -12.13 20.59 -26.68
C LEU C 61 -12.73 20.23 -28.05
N VAL C 62 -13.72 19.33 -28.05
CA VAL C 62 -14.37 18.89 -29.28
C VAL C 62 -15.12 20.04 -29.95
N THR C 63 -15.86 20.80 -29.15
CA THR C 63 -16.68 21.91 -29.66
C THR C 63 -15.83 22.96 -30.36
N TRP C 64 -14.64 23.18 -29.83
CA TRP C 64 -13.72 24.17 -30.37
C TRP C 64 -13.32 23.85 -31.81
N PHE C 65 -13.02 22.59 -32.08
CA PHE C 65 -12.62 22.16 -33.41
C PHE C 65 -13.80 21.96 -34.35
N VAL C 66 -14.91 21.46 -33.83
CA VAL C 66 -16.11 21.29 -34.65
C VAL C 66 -16.57 22.65 -35.18
N GLU C 67 -16.55 23.66 -34.32
CA GLU C 67 -16.96 25.01 -34.69
C GLU C 67 -16.07 25.60 -35.78
N ARG C 68 -14.85 25.10 -35.91
CA ARG C 68 -13.91 25.57 -36.93
C ARG C 68 -13.91 24.66 -38.17
N GLY C 69 -14.93 23.82 -38.29
CA GLY C 69 -15.15 23.05 -39.52
C GLY C 69 -14.47 21.70 -39.57
N TYR C 70 -14.08 21.19 -38.41
CA TYR C 70 -13.40 19.90 -38.32
C TYR C 70 -14.29 18.79 -37.80
N LYS C 71 -14.38 17.71 -38.57
CA LYS C 71 -15.04 16.52 -38.04
C LYS C 71 -14.08 15.82 -37.06
N ILE C 72 -14.59 15.44 -35.89
CA ILE C 72 -13.79 14.65 -34.96
C ILE C 72 -13.85 13.19 -35.40
N LYS C 73 -12.74 12.69 -35.92
CA LYS C 73 -12.71 11.34 -36.49
C LYS C 73 -12.45 10.26 -35.44
N GLY C 74 -11.78 10.62 -34.35
CA GLY C 74 -11.58 9.68 -33.27
C GLY C 74 -10.62 10.14 -32.19
N SER C 75 -10.53 9.35 -31.13
CA SER C 75 -9.54 9.61 -30.09
C SER C 75 -8.75 8.35 -29.82
N ILE C 76 -7.49 8.54 -29.45
CA ILE C 76 -6.68 7.49 -28.94
C ILE C 76 -6.14 7.80 -27.55
N SER C 77 -6.14 6.83 -26.69
CA SER C 77 -5.64 7.02 -25.33
C SER C 77 -4.29 6.34 -25.14
N SER C 78 -3.32 7.07 -24.59
CA SER C 78 -1.95 6.60 -24.52
C SER C 78 -1.71 5.68 -23.32
N HIS C 79 -2.60 5.73 -22.33
CA HIS C 79 -2.61 4.76 -21.23
C HIS C 79 -3.92 4.87 -20.47
N PHE C 80 -4.12 4.00 -19.48
CA PHE C 80 -5.46 3.83 -18.92
C PHE C 80 -5.85 4.85 -17.83
N HIS C 81 -4.89 5.57 -17.27
CA HIS C 81 -5.20 6.57 -16.24
C HIS C 81 -6.18 7.63 -16.77
N SER C 82 -6.92 8.24 -15.83
CA SER C 82 -7.94 9.24 -16.14
C SER C 82 -7.49 10.41 -17.00
N ASP C 83 -6.25 10.86 -16.82
CA ASP C 83 -5.76 12.01 -17.60
C ASP C 83 -5.62 11.70 -19.09
N SER C 84 -5.73 10.42 -19.46
CA SER C 84 -5.75 10.03 -20.87
C SER C 84 -7.10 9.48 -21.34
N THR C 85 -7.96 9.08 -20.40
CA THR C 85 -9.16 8.32 -20.77
C THR C 85 -10.46 8.94 -20.25
N GLY C 86 -10.35 10.00 -19.46
CA GLY C 86 -11.50 10.53 -18.77
C GLY C 86 -12.67 10.96 -19.63
N GLY C 87 -12.40 11.30 -20.88
CA GLY C 87 -13.44 11.74 -21.79
C GLY C 87 -14.00 10.67 -22.71
N ILE C 88 -13.54 9.44 -22.57
CA ILE C 88 -13.95 8.35 -23.47
C ILE C 88 -15.46 8.12 -23.44
N GLU C 89 -16.03 8.04 -22.24
CA GLU C 89 -17.46 7.83 -22.08
C GLU C 89 -18.28 8.90 -22.80
N TRP C 90 -17.91 10.17 -22.63
CA TRP C 90 -18.61 11.25 -23.32
C TRP C 90 -18.49 11.14 -24.83
N LEU C 91 -17.29 10.81 -25.31
CA LEU C 91 -17.05 10.64 -26.74
C LEU C 91 -17.89 9.50 -27.32
N ASN C 92 -17.98 8.40 -26.57
CA ASN C 92 -18.79 7.25 -26.98
C ASN C 92 -20.26 7.65 -27.14
N SER C 93 -20.75 8.50 -26.24
CA SER C 93 -22.13 8.95 -26.28
C SER C 93 -22.42 9.87 -27.46
N ARG C 94 -21.37 10.42 -28.07
CA ARG C 94 -21.53 11.28 -29.23
C ARG C 94 -21.18 10.51 -30.49
N SER C 95 -21.06 9.19 -30.35
CA SER C 95 -20.70 8.29 -31.44
C SER C 95 -19.38 8.64 -32.11
N ILE C 96 -18.45 9.19 -31.32
CA ILE C 96 -17.09 9.43 -31.81
C ILE C 96 -16.24 8.21 -31.48
N PRO C 97 -15.65 7.59 -32.49
CA PRO C 97 -14.85 6.39 -32.23
C PRO C 97 -13.68 6.64 -31.27
N THR C 98 -13.58 5.81 -30.24
CA THR C 98 -12.48 5.89 -29.29
C THR C 98 -11.58 4.67 -29.45
N TYR C 99 -10.27 4.89 -29.33
CA TYR C 99 -9.29 3.84 -29.54
C TYR C 99 -8.39 3.68 -28.32
N ALA C 100 -8.09 2.43 -27.99
CA ALA C 100 -7.12 2.11 -26.95
C ALA C 100 -6.56 0.73 -27.24
N SER C 101 -5.41 0.40 -26.67
CA SER C 101 -4.86 -0.93 -26.85
C SER C 101 -5.74 -1.92 -26.10
N GLU C 102 -5.59 -3.18 -26.46
CA GLU C 102 -6.27 -4.22 -25.78
C GLU C 102 -5.92 -4.23 -24.32
N LEU C 103 -4.67 -3.98 -24.02
CA LEU C 103 -4.18 -3.92 -22.70
C LEU C 103 -4.76 -2.77 -21.91
N THR C 104 -4.84 -1.61 -22.51
CA THR C 104 -5.48 -0.43 -21.91
C THR C 104 -6.95 -0.69 -21.58
N ASN C 105 -7.69 -1.24 -22.55
CA ASN C 105 -9.09 -1.58 -22.32
C ASN C 105 -9.26 -2.62 -21.22
N GLU C 106 -8.35 -3.56 -21.11
CA GLU C 106 -8.36 -4.48 -20.01
C GLU C 106 -8.17 -3.82 -18.66
N LEU C 107 -7.24 -2.89 -18.62
CA LEU C 107 -6.95 -2.20 -17.37
C LEU C 107 -8.11 -1.29 -17.00
N LEU C 108 -8.78 -0.72 -18.00
CA LEU C 108 -9.97 0.09 -17.74
C LEU C 108 -11.10 -0.77 -17.18
N LYS C 109 -11.30 -1.93 -17.79
CA LYS C 109 -12.35 -2.85 -17.38
C LYS C 109 -12.13 -3.33 -15.95
N LYS C 110 -10.89 -3.64 -15.60
CA LYS C 110 -10.56 -4.11 -14.26
C LYS C 110 -10.89 -3.01 -13.22
N ASP C 111 -10.79 -1.74 -13.64
CA ASP C 111 -11.07 -0.61 -12.76
C ASP C 111 -12.54 -0.18 -12.76
N GLY C 112 -13.38 -0.88 -13.50
CA GLY C 112 -14.79 -0.52 -13.58
C GLY C 112 -15.03 0.72 -14.43
N LYS C 113 -14.09 1.02 -15.32
CA LYS C 113 -14.20 2.22 -16.15
C LYS C 113 -14.73 1.88 -17.54
N VAL C 114 -15.28 2.89 -18.21
CA VAL C 114 -15.78 2.72 -19.57
C VAL C 114 -14.62 2.48 -20.55
N GLN C 115 -14.79 1.50 -21.43
CA GLN C 115 -13.76 1.13 -22.39
C GLN C 115 -13.87 1.86 -23.73
N ALA C 116 -12.75 1.95 -24.44
CA ALA C 116 -12.75 2.42 -25.82
C ALA C 116 -13.50 1.43 -26.73
N THR C 117 -14.15 1.94 -27.77
CA THR C 117 -14.96 1.10 -28.64
C THR C 117 -14.15 0.29 -29.65
N ASN C 118 -12.97 0.79 -30.02
CA ASN C 118 -12.10 0.09 -30.96
C ASN C 118 -10.74 -0.17 -30.34
N SER C 119 -10.20 -1.37 -30.56
CA SER C 119 -8.93 -1.71 -29.93
C SER C 119 -7.88 -2.13 -30.96
N PHE C 120 -6.63 -2.05 -30.53
CA PHE C 120 -5.49 -2.47 -31.36
C PHE C 120 -4.49 -3.21 -30.48
N SER C 121 -3.62 -3.94 -31.11
CA SER C 121 -2.69 -4.81 -30.46
C SER C 121 -1.35 -4.88 -31.21
N GLY C 122 -0.20 -4.89 -30.54
CA GLY C 122 1.05 -4.94 -31.26
C GLY C 122 1.96 -3.75 -31.01
N VAL C 123 3.24 -3.93 -31.34
CA VAL C 123 4.28 -2.95 -31.06
C VAL C 123 4.11 -1.66 -31.88
N ASN C 124 3.76 -1.81 -33.16
CA ASN C 124 3.56 -0.64 -34.01
C ASN C 124 2.15 -0.66 -34.58
N TYR C 125 1.50 0.49 -34.59
CA TYR C 125 0.16 0.61 -35.14
C TYR C 125 -0.08 1.99 -35.72
N TRP C 126 -0.66 2.00 -36.92
CA TRP C 126 -1.00 3.24 -37.58
C TRP C 126 -2.44 3.62 -37.29
N LEU C 127 -2.63 4.75 -36.61
CA LEU C 127 -3.98 5.25 -36.41
C LEU C 127 -4.44 5.80 -37.77
N VAL C 128 -3.56 6.53 -38.41
CA VAL C 128 -3.71 6.96 -39.77
C VAL C 128 -2.43 6.60 -40.50
N LYS C 129 -2.50 5.82 -41.58
CA LYS C 129 -1.26 5.33 -42.18
C LYS C 129 -0.46 6.52 -42.69
N ASN C 130 0.80 6.55 -42.34
CA ASN C 130 1.68 7.60 -42.79
C ASN C 130 1.49 8.98 -42.15
N LYS C 131 0.52 9.19 -41.27
CA LYS C 131 0.40 10.43 -40.52
C LYS C 131 0.45 10.26 -38.99
N ILE C 132 -0.21 9.23 -38.46
CA ILE C 132 -0.26 9.04 -37.01
C ILE C 132 0.08 7.62 -36.60
N GLU C 133 1.28 7.42 -36.06
CA GLU C 133 1.76 6.11 -35.66
C GLU C 133 1.72 5.98 -34.14
N VAL C 134 1.36 4.79 -33.66
CA VAL C 134 1.34 4.51 -32.24
C VAL C 134 2.45 3.49 -31.97
N PHE C 135 3.27 3.74 -30.96
CA PHE C 135 4.37 2.84 -30.67
C PHE C 135 4.41 2.43 -29.20
N TYR C 136 4.57 1.13 -28.98
CA TYR C 136 4.69 0.57 -27.63
C TYR C 136 6.14 0.24 -27.31
N PRO C 137 6.77 1.05 -26.43
CA PRO C 137 8.18 0.80 -26.11
C PRO C 137 8.34 -0.23 -25.01
N GLY C 138 7.24 -0.62 -24.40
CA GLY C 138 7.25 -1.54 -23.27
C GLY C 138 6.78 -0.83 -22.02
N PRO C 139 6.61 -1.59 -20.93
CA PRO C 139 6.13 -1.02 -19.66
C PRO C 139 7.08 0.04 -19.09
N GLY C 140 6.50 1.02 -18.41
CA GLY C 140 7.26 2.06 -17.74
C GLY C 140 6.41 2.69 -16.66
N HIS C 141 5.91 3.89 -16.95
CA HIS C 141 4.94 4.57 -16.09
C HIS C 141 3.73 3.66 -15.79
N THR C 142 3.24 2.99 -16.83
CA THR C 142 2.21 1.95 -16.67
C THR C 142 2.56 0.75 -17.58
N PRO C 143 1.87 -0.40 -17.40
CA PRO C 143 2.17 -1.52 -18.31
C PRO C 143 1.78 -1.21 -19.77
N ASP C 144 0.78 -0.37 -19.97
CA ASP C 144 0.18 -0.15 -21.28
C ASP C 144 0.61 1.14 -22.01
N ASN C 145 1.45 1.98 -21.39
CA ASN C 145 1.74 3.28 -22.01
C ASN C 145 2.34 3.16 -23.42
N VAL C 146 1.80 3.95 -24.34
CA VAL C 146 2.30 4.04 -25.71
C VAL C 146 2.61 5.48 -26.05
N VAL C 147 3.39 5.68 -27.10
CA VAL C 147 3.68 7.03 -27.59
C VAL C 147 3.07 7.19 -28.98
N VAL C 148 2.91 8.44 -29.41
CA VAL C 148 2.36 8.73 -30.73
C VAL C 148 3.33 9.55 -31.56
N TRP C 149 3.62 9.07 -32.76
CA TRP C 149 4.63 9.67 -33.63
C TRP C 149 3.96 10.26 -34.86
N LEU C 150 4.29 11.50 -35.17
CA LEU C 150 3.79 12.19 -36.35
C LEU C 150 4.93 12.41 -37.35
N PRO C 151 5.11 11.46 -38.28
CA PRO C 151 6.29 11.39 -39.15
C PRO C 151 6.49 12.59 -40.07
N GLU C 152 5.42 13.26 -40.46
CA GLU C 152 5.52 14.40 -41.37
C GLU C 152 6.07 15.64 -40.66
N ARG C 153 5.79 15.77 -39.37
CA ARG C 153 6.26 16.91 -38.56
C ARG C 153 7.44 16.54 -37.66
N LYS C 154 7.77 15.24 -37.63
CA LYS C 154 8.75 14.69 -36.69
C LYS C 154 8.45 15.10 -35.25
N ILE C 155 7.20 14.93 -34.85
CA ILE C 155 6.78 15.27 -33.49
C ILE C 155 6.40 14.00 -32.74
N LEU C 156 6.93 13.83 -31.53
CA LEU C 156 6.58 12.68 -30.71
C LEU C 156 5.76 13.10 -29.51
N PHE C 157 4.55 12.57 -29.38
CA PHE C 157 3.82 12.74 -28.12
C PHE C 157 4.24 11.63 -27.18
N GLY C 158 4.92 12.03 -26.11
CA GLY C 158 5.55 11.09 -25.20
C GLY C 158 4.64 10.61 -24.10
N GLY C 159 3.57 11.35 -23.84
CA GLY C 159 2.62 10.93 -22.85
C GLY C 159 3.22 10.96 -21.46
N CYS C 160 2.71 10.09 -20.60
CA CYS C 160 3.14 10.03 -19.20
C CYS C 160 4.38 9.16 -19.03
N PHE C 161 4.82 8.55 -20.14
CA PHE C 161 6.07 7.79 -20.18
C PHE C 161 7.28 8.71 -20.03
N ILE C 162 7.22 9.86 -20.71
CA ILE C 162 8.31 10.81 -20.71
C ILE C 162 8.34 11.60 -19.40
N LYS C 163 9.27 11.26 -18.53
CA LYS C 163 9.42 11.91 -17.23
C LYS C 163 10.86 12.35 -17.03
N PRO C 164 11.24 13.45 -17.64
CA PRO C 164 12.64 13.89 -17.69
C PRO C 164 13.14 14.43 -16.35
N TYR C 165 12.24 14.73 -15.41
CA TYR C 165 12.65 15.33 -14.15
C TYR C 165 12.19 14.52 -12.95
N GLY C 166 11.94 13.24 -13.12
CA GLY C 166 11.47 12.45 -12.00
C GLY C 166 10.33 11.57 -12.44
N LEU C 167 10.30 10.33 -11.94
CA LEU C 167 9.35 9.34 -12.41
C LEU C 167 7.93 9.59 -11.92
N GLY C 168 7.79 10.36 -10.85
CA GLY C 168 6.48 10.62 -10.28
C GLY C 168 5.89 9.43 -9.53
N ASN C 169 4.57 9.35 -9.52
CA ASN C 169 3.86 8.30 -8.80
C ASN C 169 4.13 6.92 -9.42
N LEU C 170 4.73 6.02 -8.64
CA LEU C 170 5.07 4.67 -9.13
C LEU C 170 4.02 3.61 -8.82
N GLY C 171 2.83 4.03 -8.39
CA GLY C 171 1.74 3.13 -8.08
C GLY C 171 1.47 2.00 -9.07
N ASP C 172 1.36 2.34 -10.35
CA ASP C 172 1.10 1.35 -11.40
C ASP C 172 2.31 1.15 -12.30
N ALA C 173 3.49 1.59 -11.84
CA ALA C 173 4.69 1.57 -12.67
C ALA C 173 5.44 0.25 -12.66
N ASN C 174 6.27 0.06 -13.68
CA ASN C 174 7.17 -1.08 -13.75
C ASN C 174 8.59 -0.56 -13.76
N ILE C 175 9.15 -0.38 -12.57
CA ILE C 175 10.46 0.24 -12.40
C ILE C 175 11.56 -0.58 -13.08
N GLU C 176 11.43 -1.90 -13.02
CA GLU C 176 12.44 -2.79 -13.61
C GLU C 176 12.55 -2.62 -15.12
N ALA C 177 11.39 -2.49 -15.79
CA ALA C 177 11.36 -2.49 -17.25
C ALA C 177 11.58 -1.10 -17.86
N TRP C 178 11.26 -0.07 -17.08
CA TRP C 178 11.27 1.30 -17.59
C TRP C 178 12.61 1.70 -18.23
N PRO C 179 13.76 1.34 -17.63
CA PRO C 179 15.00 1.71 -18.32
C PRO C 179 15.16 1.07 -19.70
N LYS C 180 14.85 -0.22 -19.80
CA LYS C 180 14.92 -0.93 -21.07
C LYS C 180 13.96 -0.34 -22.09
N SER C 181 12.75 -0.05 -21.65
CA SER C 181 11.75 0.57 -22.52
C SER C 181 12.20 1.94 -23.01
N ALA C 182 12.77 2.73 -22.10
CA ALA C 182 13.24 4.08 -22.44
C ALA C 182 14.39 4.04 -23.43
N LYS C 183 15.26 3.04 -23.29
CA LYS C 183 16.35 2.84 -24.24
C LYS C 183 15.83 2.56 -25.64
N LEU C 184 14.82 1.71 -25.72
CA LEU C 184 14.19 1.38 -27.01
C LEU C 184 13.57 2.61 -27.65
N LEU C 185 12.88 3.41 -26.85
CA LEU C 185 12.22 4.62 -27.34
C LEU C 185 13.24 5.61 -27.90
N LYS C 186 14.35 5.76 -27.19
CA LYS C 186 15.41 6.66 -27.60
C LYS C 186 16.03 6.25 -28.94
N SER C 187 16.28 4.94 -29.10
CA SER C 187 16.75 4.41 -30.38
C SER C 187 15.86 4.80 -31.54
N LYS C 188 14.56 4.54 -31.41
CA LYS C 188 13.63 4.69 -32.52
C LYS C 188 13.37 6.16 -32.89
N TYR C 189 13.33 7.03 -31.89
CA TYR C 189 12.90 8.41 -32.14
C TYR C 189 13.98 9.45 -31.79
N GLY C 190 15.24 9.06 -31.89
CA GLY C 190 16.33 9.98 -31.61
C GLY C 190 16.39 11.20 -32.54
N LYS C 191 15.81 11.07 -33.73
CA LYS C 191 15.75 12.18 -34.68
C LYS C 191 14.46 13.00 -34.59
N ALA C 192 13.69 12.80 -33.52
CA ALA C 192 12.50 13.61 -33.27
C ALA C 192 12.84 15.10 -33.15
N LYS C 193 12.07 15.95 -33.81
CA LYS C 193 12.27 17.40 -33.72
C LYS C 193 11.68 17.99 -32.43
N LEU C 194 10.53 17.48 -32.02
CA LEU C 194 9.90 17.88 -30.77
C LEU C 194 9.40 16.67 -29.99
N VAL C 195 9.53 16.73 -28.68
CA VAL C 195 8.97 15.69 -27.81
C VAL C 195 8.01 16.35 -26.84
N VAL C 196 6.79 15.83 -26.77
CA VAL C 196 5.76 16.43 -25.92
C VAL C 196 5.41 15.51 -24.76
N PRO C 197 5.84 15.86 -23.55
CA PRO C 197 5.42 15.06 -22.39
C PRO C 197 4.02 15.46 -21.93
N SER C 198 3.36 14.59 -21.17
CA SER C 198 2.05 14.93 -20.61
C SER C 198 2.11 16.03 -19.56
N HIS C 199 3.15 16.01 -18.72
CA HIS C 199 3.16 16.82 -17.52
C HIS C 199 4.31 17.81 -17.38
N SER C 200 5.02 18.07 -18.46
CA SER C 200 6.01 19.11 -18.50
C SER C 200 6.17 19.68 -19.89
N GLU C 201 6.95 20.71 -20.02
CA GLU C 201 7.01 21.49 -21.25
C GLU C 201 7.61 20.72 -22.41
N VAL C 202 7.23 21.14 -23.61
CA VAL C 202 7.77 20.60 -24.85
C VAL C 202 9.28 20.87 -24.93
N GLY C 203 10.05 19.84 -25.29
CA GLY C 203 11.46 20.00 -25.57
C GLY C 203 11.80 19.29 -26.86
N ASP C 204 13.07 19.01 -27.09
CA ASP C 204 13.43 18.22 -28.27
C ASP C 204 13.78 16.81 -27.82
N ALA C 205 14.51 16.09 -28.67
CA ALA C 205 14.83 14.68 -28.42
C ALA C 205 15.67 14.45 -27.17
N SER C 206 16.25 15.51 -26.60
CA SER C 206 17.07 15.35 -25.40
C SER C 206 16.20 14.86 -24.24
N LEU C 207 14.90 15.11 -24.32
CA LEU C 207 13.95 14.61 -23.31
C LEU C 207 13.94 13.08 -23.25
N LEU C 208 14.29 12.44 -24.36
CA LEU C 208 14.34 10.98 -24.41
C LEU C 208 15.51 10.47 -23.59
N LYS C 209 16.64 11.15 -23.71
CA LYS C 209 17.83 10.82 -22.93
C LYS C 209 17.60 11.04 -21.43
N LEU C 210 17.01 12.19 -21.08
CA LEU C 210 16.74 12.51 -19.69
C LEU C 210 15.80 11.48 -19.05
N THR C 211 14.82 11.01 -19.82
CA THR C 211 13.89 9.99 -19.35
C THR C 211 14.59 8.66 -19.08
N LEU C 212 15.47 8.27 -19.99
CA LEU C 212 16.30 7.09 -19.78
C LEU C 212 17.10 7.24 -18.49
N GLU C 213 17.77 8.39 -18.35
CA GLU C 213 18.57 8.67 -17.15
C GLU C 213 17.73 8.63 -15.86
N GLN C 214 16.55 9.22 -15.89
CA GLN C 214 15.66 9.16 -14.73
C GLN C 214 15.17 7.74 -14.41
N ALA C 215 14.89 6.95 -15.44
CA ALA C 215 14.46 5.57 -15.23
C ALA C 215 15.56 4.77 -14.54
N VAL C 216 16.77 4.88 -15.09
CA VAL C 216 17.93 4.19 -14.56
C VAL C 216 18.20 4.61 -13.10
N LYS C 217 18.12 5.91 -12.85
CA LYS C 217 18.27 6.43 -11.50
C LYS C 217 17.17 5.91 -10.58
N GLY C 218 15.95 5.85 -11.10
CA GLY C 218 14.82 5.38 -10.31
C GLY C 218 14.94 3.94 -9.91
N LEU C 219 15.41 3.10 -10.82
CA LEU C 219 15.59 1.69 -10.53
C LEU C 219 16.67 1.53 -9.49
N ASN C 220 17.80 2.19 -9.73
CA ASN C 220 18.91 2.18 -8.79
C ASN C 220 18.52 2.62 -7.38
N GLU C 221 17.76 3.68 -7.28
CA GLU C 221 17.33 4.21 -6.01
C GLU C 221 16.46 3.25 -5.24
N SER C 222 15.68 2.47 -5.95
CA SER C 222 14.80 1.47 -5.34
C SER C 222 15.53 0.37 -4.57
N LYS C 223 16.81 0.16 -4.86
CA LYS C 223 17.54 -0.93 -4.23
C LYS C 223 18.58 -0.41 -3.23
N LYS C 224 18.54 0.90 -3.00
CA LYS C 224 19.21 1.51 -1.87
C LYS C 224 18.45 1.14 -0.59
N PRO C 225 19.09 1.27 0.57
CA PRO C 225 18.38 0.88 1.80
C PRO C 225 17.65 2.05 2.46
N SER C 226 16.67 1.74 3.29
CA SER C 226 15.84 2.74 3.96
C SER C 226 16.68 3.65 4.85
N SER D 5 10.77 -13.96 -18.11
CA SER D 5 9.56 -14.70 -18.39
C SER D 5 8.98 -15.45 -17.16
N LEU D 6 9.07 -16.79 -17.12
CA LEU D 6 8.37 -17.43 -16.05
C LEU D 6 9.23 -17.48 -14.83
N PRO D 7 8.64 -17.50 -13.66
CA PRO D 7 9.49 -17.73 -12.50
C PRO D 7 9.97 -19.14 -12.61
N ASP D 8 11.00 -19.47 -11.86
CA ASP D 8 11.51 -20.83 -11.87
C ASP D 8 10.71 -21.75 -10.97
N LEU D 9 10.80 -23.06 -11.22
CA LEU D 9 10.24 -24.08 -10.34
C LEU D 9 10.72 -23.85 -8.92
N LYS D 10 9.80 -23.96 -7.96
CA LYS D 10 10.13 -23.76 -6.55
C LYS D 10 9.85 -25.01 -5.72
N ILE D 11 10.72 -25.32 -4.76
CA ILE D 11 10.53 -26.49 -3.91
C ILE D 11 10.72 -26.13 -2.43
N GLU D 12 9.67 -26.32 -1.64
CA GLU D 12 9.67 -25.92 -0.24
C GLU D 12 9.16 -27.00 0.70
N LYS D 13 9.81 -27.11 1.86
CA LYS D 13 9.37 -28.03 2.89
C LYS D 13 8.07 -27.51 3.51
N LEU D 14 7.11 -28.41 3.71
CA LEU D 14 5.85 -28.05 4.33
C LEU D 14 5.75 -28.71 5.69
N ASP D 15 6.29 -29.92 5.76
CA ASP D 15 6.29 -30.71 6.98
C ASP D 15 7.37 -31.77 6.81
N GLU D 16 7.53 -32.63 7.82
CA GLU D 16 8.57 -33.63 7.76
C GLU D 16 8.20 -34.63 6.66
N GLY D 17 9.09 -34.78 5.69
CA GLY D 17 8.84 -35.68 4.57
C GLY D 17 7.73 -35.22 3.63
N VAL D 18 7.38 -33.94 3.68
CA VAL D 18 6.33 -33.39 2.83
C VAL D 18 6.78 -32.07 2.21
N TYR D 19 6.86 -32.03 0.90
CA TYR D 19 7.31 -30.84 0.17
C TYR D 19 6.27 -30.32 -0.80
N VAL D 20 6.21 -29.00 -0.92
CA VAL D 20 5.37 -28.36 -1.92
C VAL D 20 6.22 -27.93 -3.11
N HIS D 21 5.85 -28.37 -4.31
CA HIS D 21 6.52 -27.87 -5.48
C HIS D 21 5.57 -26.96 -6.23
N THR D 22 6.11 -25.87 -6.75
CA THR D 22 5.29 -24.87 -7.40
C THR D 22 5.87 -24.51 -8.76
N SER D 23 5.06 -24.70 -9.79
CA SER D 23 5.44 -24.35 -11.15
C SER D 23 4.53 -23.24 -11.64
N PHE D 24 4.86 -22.64 -12.79
CA PHE D 24 4.17 -21.43 -13.23
C PHE D 24 3.86 -21.41 -14.73
N GLU D 25 2.67 -20.92 -15.09
CA GLU D 25 2.29 -20.75 -16.49
C GLU D 25 1.41 -19.50 -16.70
N GLU D 26 1.49 -18.90 -17.89
CA GLU D 26 0.58 -17.82 -18.25
C GLU D 26 -0.68 -18.30 -18.99
N VAL D 27 -1.81 -17.88 -18.43
CA VAL D 27 -3.12 -18.19 -18.99
C VAL D 27 -3.74 -16.92 -19.53
N ASN D 28 -3.92 -16.85 -20.85
CA ASN D 28 -4.62 -15.71 -21.41
C ASN D 28 -5.99 -15.48 -20.77
N GLY D 29 -6.06 -14.48 -19.89
CA GLY D 29 -7.30 -14.16 -19.21
C GLY D 29 -7.07 -13.70 -17.79
N TRP D 30 -5.83 -13.86 -17.30
CA TRP D 30 -5.46 -13.41 -15.96
C TRP D 30 -4.04 -12.88 -15.88
N GLY D 31 -3.08 -13.80 -16.03
CA GLY D 31 -1.66 -13.52 -15.96
C GLY D 31 -0.86 -14.75 -15.55
N VAL D 32 0.15 -14.55 -14.72
CA VAL D 32 0.99 -15.67 -14.27
C VAL D 32 0.32 -16.42 -13.11
N VAL D 33 0.01 -17.68 -13.34
CA VAL D 33 -0.66 -18.54 -12.36
C VAL D 33 0.29 -19.56 -11.74
N PRO D 34 0.31 -19.65 -10.40
CA PRO D 34 1.07 -20.72 -9.74
C PRO D 34 0.27 -22.02 -9.67
N LYS D 35 0.96 -23.16 -9.70
CA LYS D 35 0.35 -24.47 -9.50
C LYS D 35 1.13 -25.21 -8.43
N HIS D 36 0.48 -25.53 -7.32
CA HIS D 36 1.13 -26.28 -6.26
C HIS D 36 0.86 -27.77 -6.35
N GLY D 37 1.90 -28.58 -6.18
CA GLY D 37 1.74 -30.01 -6.02
C GLY D 37 2.58 -30.45 -4.83
N LEU D 38 2.55 -31.74 -4.51
CA LEU D 38 3.37 -32.24 -3.40
C LEU D 38 4.43 -33.22 -3.86
N VAL D 39 5.47 -33.35 -3.05
CA VAL D 39 6.37 -34.48 -3.13
C VAL D 39 6.40 -35.10 -1.74
N VAL D 40 6.01 -36.36 -1.65
CA VAL D 40 5.94 -37.03 -0.36
C VAL D 40 7.06 -38.04 -0.21
N LEU D 41 7.78 -37.99 0.88
CA LEU D 41 8.87 -38.94 1.09
C LEU D 41 8.54 -40.03 2.03
N VAL D 42 8.79 -41.25 1.62
CA VAL D 42 8.86 -42.33 2.53
C VAL D 42 10.27 -42.88 2.41
N ASN D 43 11.02 -42.83 3.50
CA ASN D 43 12.38 -43.32 3.47
C ASN D 43 13.20 -42.63 2.39
N ALA D 44 13.81 -43.40 1.51
CA ALA D 44 14.63 -42.87 0.44
C ALA D 44 13.87 -42.85 -0.87
N GLU D 45 12.55 -43.07 -0.76
CA GLU D 45 11.63 -43.04 -1.89
C GLU D 45 10.72 -41.81 -1.96
N ALA D 46 10.54 -41.29 -3.15
CA ALA D 46 9.76 -40.08 -3.38
C ALA D 46 8.48 -40.35 -4.20
N TYR D 47 7.38 -39.73 -3.80
CA TYR D 47 6.15 -39.77 -4.56
C TYR D 47 5.72 -38.39 -5.04
N LEU D 48 5.48 -38.24 -6.35
CA LEU D 48 4.91 -36.99 -6.86
C LEU D 48 3.40 -36.94 -6.71
N ILE D 49 2.91 -35.90 -6.07
CA ILE D 49 1.47 -35.64 -6.03
C ILE D 49 1.20 -34.51 -7.02
N ASP D 50 0.71 -34.90 -8.19
CA ASP D 50 0.62 -34.05 -9.38
C ASP D 50 2.00 -33.76 -9.97
N THR D 51 2.05 -33.64 -11.30
CA THR D 51 3.24 -33.19 -11.99
C THR D 51 3.14 -31.70 -12.28
N PRO D 52 4.28 -31.01 -12.48
CA PRO D 52 4.22 -29.64 -12.97
C PRO D 52 3.56 -29.53 -14.35
N PHE D 53 3.38 -28.29 -14.82
CA PHE D 53 2.75 -28.05 -16.12
C PHE D 53 3.46 -28.75 -17.26
N THR D 54 4.79 -28.73 -17.19
CA THR D 54 5.62 -29.08 -18.35
C THR D 54 6.56 -30.24 -18.09
N ALA D 55 7.01 -30.82 -19.17
CA ALA D 55 8.01 -31.84 -19.13
C ALA D 55 9.25 -31.23 -18.54
N LYS D 56 9.56 -30.00 -18.94
CA LYS D 56 10.73 -29.25 -18.48
C LYS D 56 10.84 -29.21 -16.96
N ASP D 57 9.76 -28.83 -16.30
CA ASP D 57 9.76 -28.75 -14.85
C ASP D 57 9.62 -30.01 -14.10
N THR D 58 8.97 -30.97 -14.70
CA THR D 58 8.87 -32.30 -14.11
C THR D 58 10.26 -32.92 -14.03
N GLU D 59 11.03 -32.73 -15.10
CA GLU D 59 12.40 -33.20 -15.17
C GLU D 59 13.24 -32.57 -14.07
N LYS D 60 13.10 -31.25 -13.93
CA LYS D 60 13.82 -30.50 -12.91
C LYS D 60 13.42 -30.96 -11.51
N LEU D 61 12.12 -31.15 -11.30
CA LEU D 61 11.60 -31.59 -10.02
C LEU D 61 12.17 -32.96 -9.65
N VAL D 62 12.16 -33.87 -10.61
CA VAL D 62 12.67 -35.23 -10.41
C VAL D 62 14.16 -35.21 -10.12
N THR D 63 14.90 -34.44 -10.90
CA THR D 63 16.33 -34.37 -10.80
C THR D 63 16.70 -33.89 -9.41
N TRP D 64 15.96 -32.95 -8.85
CA TRP D 64 16.26 -32.35 -7.55
C TRP D 64 16.27 -33.39 -6.42
N PHE D 65 15.31 -34.30 -6.44
CA PHE D 65 15.20 -35.33 -5.41
C PHE D 65 16.14 -36.51 -5.63
N VAL D 66 16.35 -36.88 -6.89
CA VAL D 66 17.26 -37.96 -7.22
C VAL D 66 18.67 -37.64 -6.76
N GLU D 67 19.09 -36.40 -7.02
CA GLU D 67 20.42 -35.92 -6.64
C GLU D 67 20.63 -35.94 -5.12
N ARG D 68 19.56 -35.97 -4.35
CA ARG D 68 19.69 -36.00 -2.91
C ARG D 68 19.48 -37.37 -2.37
N GLY D 69 19.48 -38.33 -3.26
CA GLY D 69 19.49 -39.72 -2.86
C GLY D 69 18.13 -40.39 -2.76
N TYR D 70 17.13 -39.79 -3.41
CA TYR D 70 15.77 -40.33 -3.39
C TYR D 70 15.33 -41.00 -4.69
N LYS D 71 14.86 -42.23 -4.54
CA LYS D 71 14.22 -42.99 -5.62
C LYS D 71 12.83 -42.41 -5.90
N ILE D 72 12.54 -42.14 -7.17
CA ILE D 72 11.20 -41.72 -7.54
C ILE D 72 10.35 -42.96 -7.73
N LYS D 73 9.42 -43.20 -6.81
CA LYS D 73 8.63 -44.42 -6.80
C LYS D 73 7.38 -44.34 -7.67
N GLY D 74 6.84 -43.13 -7.85
CA GLY D 74 5.72 -42.97 -8.74
C GLY D 74 5.09 -41.60 -8.67
N SER D 75 4.16 -41.33 -9.57
CA SER D 75 3.41 -40.09 -9.50
C SER D 75 1.93 -40.38 -9.60
N ILE D 76 1.13 -39.55 -8.94
CA ILE D 76 -0.30 -39.65 -8.98
C ILE D 76 -0.85 -38.28 -9.40
N SER D 77 -1.74 -38.28 -10.39
CA SER D 77 -2.36 -37.06 -10.87
C SER D 77 -3.79 -36.97 -10.36
N SER D 78 -4.14 -35.82 -9.80
CA SER D 78 -5.42 -35.64 -9.12
C SER D 78 -6.57 -35.34 -10.06
N HIS D 79 -6.27 -34.88 -11.28
CA HIS D 79 -7.27 -34.72 -12.32
C HIS D 79 -6.60 -34.53 -13.68
N PHE D 80 -7.39 -34.41 -14.75
CA PHE D 80 -6.84 -34.57 -16.09
C PHE D 80 -6.22 -33.32 -16.73
N HIS D 81 -6.49 -32.13 -16.19
CA HIS D 81 -5.90 -30.89 -16.73
C HIS D 81 -4.37 -30.96 -16.77
N SER D 82 -3.79 -30.17 -17.65
CA SER D 82 -2.34 -30.11 -17.85
C SER D 82 -1.54 -29.82 -16.58
N ASP D 83 -2.07 -28.98 -15.70
CA ASP D 83 -1.34 -28.60 -14.49
C ASP D 83 -1.15 -29.74 -13.50
N SER D 84 -1.85 -30.86 -13.71
CA SER D 84 -1.64 -32.07 -12.90
C SER D 84 -0.97 -33.23 -13.67
N THR D 85 -1.03 -33.18 -15.00
CA THR D 85 -0.66 -34.34 -15.82
C THR D 85 0.42 -34.10 -16.86
N GLY D 86 0.87 -32.86 -16.99
CA GLY D 86 1.77 -32.46 -18.05
C GLY D 86 3.11 -33.20 -18.09
N GLY D 87 3.54 -33.72 -16.94
CA GLY D 87 4.81 -34.42 -16.89
C GLY D 87 4.71 -35.93 -17.05
N ILE D 88 3.50 -36.44 -17.25
CA ILE D 88 3.28 -37.89 -17.33
C ILE D 88 4.06 -38.55 -18.47
N GLU D 89 4.01 -37.95 -19.67
CA GLU D 89 4.73 -38.50 -20.81
C GLU D 89 6.23 -38.62 -20.52
N TRP D 90 6.81 -37.56 -19.96
CA TRP D 90 8.22 -37.58 -19.58
C TRP D 90 8.53 -38.67 -18.54
N LEU D 91 7.67 -38.78 -17.53
CA LEU D 91 7.85 -39.79 -16.50
C LEU D 91 7.76 -41.20 -17.04
N ASN D 92 6.80 -41.45 -17.94
CA ASN D 92 6.66 -42.76 -18.57
C ASN D 92 7.92 -43.11 -19.37
N SER D 93 8.49 -42.11 -20.02
CA SER D 93 9.70 -42.30 -20.83
C SER D 93 10.93 -42.62 -19.96
N ARG D 94 10.83 -42.33 -18.65
CA ARG D 94 11.89 -42.70 -17.71
C ARG D 94 11.54 -43.94 -16.90
N SER D 95 10.50 -44.64 -17.32
CA SER D 95 10.01 -45.85 -16.65
C SER D 95 9.63 -45.60 -15.19
N ILE D 96 9.15 -44.40 -14.89
CA ILE D 96 8.60 -44.10 -13.57
C ILE D 96 7.10 -44.35 -13.57
N PRO D 97 6.61 -45.18 -12.63
CA PRO D 97 5.18 -45.53 -12.61
C PRO D 97 4.28 -44.30 -12.44
N THR D 98 3.30 -44.15 -13.32
CA THR D 98 2.35 -43.05 -13.23
C THR D 98 0.96 -43.55 -12.90
N TYR D 99 0.24 -42.82 -12.06
CA TYR D 99 -1.07 -43.25 -11.59
C TYR D 99 -2.12 -42.15 -11.83
N ALA D 100 -3.33 -42.58 -12.18
CA ALA D 100 -4.47 -41.69 -12.29
C ALA D 100 -5.75 -42.50 -12.12
N SER D 101 -6.86 -41.84 -11.81
CA SER D 101 -8.11 -42.57 -11.69
C SER D 101 -8.52 -43.05 -13.07
N GLU D 102 -9.44 -44.02 -13.11
CA GLU D 102 -9.97 -44.53 -14.36
C GLU D 102 -10.59 -43.41 -15.21
N LEU D 103 -11.37 -42.58 -14.57
CA LEU D 103 -11.98 -41.49 -15.26
C LEU D 103 -10.95 -40.48 -15.80
N THR D 104 -9.95 -40.15 -15.02
CA THR D 104 -8.87 -39.26 -15.48
C THR D 104 -8.22 -39.79 -16.76
N ASN D 105 -7.88 -41.08 -16.77
CA ASN D 105 -7.30 -41.71 -17.96
C ASN D 105 -8.26 -41.67 -19.15
N GLU D 106 -9.57 -41.77 -18.90
CA GLU D 106 -10.53 -41.60 -19.98
C GLU D 106 -10.47 -40.20 -20.57
N LEU D 107 -10.45 -39.20 -19.69
CA LEU D 107 -10.51 -37.82 -20.12
C LEU D 107 -9.21 -37.41 -20.81
N LEU D 108 -8.10 -37.97 -20.34
CA LEU D 108 -6.82 -37.75 -21.00
C LEU D 108 -6.84 -38.36 -22.39
N LYS D 109 -7.38 -39.59 -22.49
CA LYS D 109 -7.46 -40.29 -23.76
C LYS D 109 -8.35 -39.55 -24.75
N LYS D 110 -9.51 -39.11 -24.27
CA LYS D 110 -10.50 -38.41 -25.09
C LYS D 110 -9.96 -37.09 -25.60
N ASP D 111 -9.09 -36.47 -24.80
CA ASP D 111 -8.49 -35.19 -25.14
C ASP D 111 -7.21 -35.36 -25.97
N GLY D 112 -6.89 -36.60 -26.32
CA GLY D 112 -5.70 -36.88 -27.10
C GLY D 112 -4.39 -36.78 -26.35
N LYS D 113 -4.46 -36.88 -25.02
CA LYS D 113 -3.27 -36.77 -24.18
C LYS D 113 -2.74 -38.12 -23.74
N VAL D 114 -1.47 -38.14 -23.33
CA VAL D 114 -0.84 -39.35 -22.80
C VAL D 114 -1.46 -39.72 -21.44
N GLN D 115 -1.77 -41.01 -21.30
CA GLN D 115 -2.41 -41.54 -20.10
C GLN D 115 -1.40 -42.02 -19.09
N ALA D 116 -1.79 -42.08 -17.82
CA ALA D 116 -0.99 -42.76 -16.81
C ALA D 116 -0.97 -44.25 -17.16
N THR D 117 0.13 -44.92 -16.87
CA THR D 117 0.25 -46.33 -17.24
C THR D 117 -0.58 -47.19 -16.30
N ASN D 118 -0.80 -46.68 -15.09
CA ASN D 118 -1.56 -47.41 -14.08
C ASN D 118 -2.78 -46.63 -13.62
N SER D 119 -3.89 -47.32 -13.47
CA SER D 119 -5.15 -46.67 -13.11
C SER D 119 -5.77 -47.28 -11.87
N PHE D 120 -6.66 -46.53 -11.24
CA PHE D 120 -7.42 -47.04 -10.12
C PHE D 120 -8.85 -46.55 -10.26
N SER D 121 -9.79 -47.34 -9.76
CA SER D 121 -11.19 -46.95 -9.72
C SER D 121 -11.81 -47.26 -8.37
N GLY D 122 -12.90 -46.59 -8.05
CA GLY D 122 -13.52 -46.76 -6.76
C GLY D 122 -13.32 -45.48 -5.96
N VAL D 123 -14.11 -45.29 -4.92
CA VAL D 123 -14.10 -44.08 -4.14
C VAL D 123 -12.76 -43.95 -3.39
N ASN D 124 -12.24 -45.08 -2.90
CA ASN D 124 -10.97 -45.07 -2.16
C ASN D 124 -9.88 -45.93 -2.79
N TYR D 125 -8.66 -45.41 -2.77
CA TYR D 125 -7.50 -46.15 -3.28
C TYR D 125 -6.26 -45.77 -2.49
N TRP D 126 -5.47 -46.79 -2.13
CA TRP D 126 -4.25 -46.56 -1.36
C TRP D 126 -3.07 -46.57 -2.26
N LEU D 127 -2.40 -45.46 -2.38
CA LEU D 127 -1.16 -45.43 -3.14
C LEU D 127 -0.07 -46.10 -2.30
N VAL D 128 0.00 -45.71 -1.02
CA VAL D 128 0.77 -46.42 -0.02
C VAL D 128 -0.06 -46.54 1.25
N LYS D 129 -0.33 -47.73 1.72
CA LYS D 129 -1.19 -47.91 2.86
C LYS D 129 -0.70 -47.12 4.06
N ASN D 130 -1.64 -46.52 4.76
CA ASN D 130 -1.42 -45.66 5.93
C ASN D 130 -0.45 -44.52 5.66
N LYS D 131 -0.16 -44.26 4.40
CA LYS D 131 0.79 -43.20 4.07
C LYS D 131 0.27 -42.20 3.03
N ILE D 132 -0.24 -42.72 1.93
CA ILE D 132 -0.75 -41.88 0.85
C ILE D 132 -2.07 -42.42 0.34
N GLU D 133 -3.16 -41.77 0.70
CA GLU D 133 -4.50 -42.25 0.33
C GLU D 133 -5.11 -41.37 -0.75
N VAL D 134 -5.89 -41.97 -1.64
CA VAL D 134 -6.61 -41.20 -2.65
C VAL D 134 -8.10 -41.33 -2.42
N PHE D 135 -8.81 -40.21 -2.48
CA PHE D 135 -10.23 -40.19 -2.24
C PHE D 135 -10.98 -39.44 -3.35
N TYR D 136 -12.07 -40.04 -3.83
CA TYR D 136 -12.93 -39.41 -4.82
C TYR D 136 -14.21 -38.91 -4.16
N PRO D 137 -14.34 -37.57 -4.03
CA PRO D 137 -15.50 -36.99 -3.35
C PRO D 137 -16.69 -36.80 -4.28
N GLY D 138 -16.47 -37.01 -5.58
CA GLY D 138 -17.51 -36.77 -6.56
C GLY D 138 -17.12 -35.61 -7.47
N PRO D 139 -17.92 -35.39 -8.52
CA PRO D 139 -17.64 -34.32 -9.49
C PRO D 139 -17.65 -32.92 -8.88
N GLY D 140 -16.80 -32.05 -9.40
CA GLY D 140 -16.79 -30.66 -8.99
C GLY D 140 -16.13 -29.79 -10.04
N HIS D 141 -14.90 -29.39 -9.75
CA HIS D 141 -14.04 -28.67 -10.69
C HIS D 141 -13.97 -29.42 -12.02
N THR D 142 -13.78 -30.74 -11.93
CA THR D 142 -13.86 -31.62 -13.09
C THR D 142 -14.64 -32.86 -12.70
N PRO D 143 -15.05 -33.69 -13.69
CA PRO D 143 -15.75 -34.92 -13.32
C PRO D 143 -14.88 -35.87 -12.50
N ASP D 144 -13.56 -35.83 -12.74
CA ASP D 144 -12.65 -36.83 -12.22
C ASP D 144 -11.82 -36.45 -11.00
N ASN D 145 -11.93 -35.22 -10.49
CA ASN D 145 -11.00 -34.76 -9.46
C ASN D 145 -11.00 -35.60 -8.18
N VAL D 146 -9.81 -35.93 -7.70
CA VAL D 146 -9.64 -36.65 -6.45
C VAL D 146 -8.72 -35.86 -5.53
N VAL D 147 -8.75 -36.19 -4.23
CA VAL D 147 -7.82 -35.56 -3.31
C VAL D 147 -6.87 -36.60 -2.73
N VAL D 148 -5.78 -36.12 -2.16
CA VAL D 148 -4.79 -37.02 -1.59
C VAL D 148 -4.61 -36.71 -0.11
N TRP D 149 -4.73 -37.74 0.70
CA TRP D 149 -4.71 -37.60 2.14
C TRP D 149 -3.47 -38.25 2.72
N LEU D 150 -2.75 -37.50 3.55
CA LEU D 150 -1.58 -38.02 4.24
C LEU D 150 -1.90 -38.16 5.73
N PRO D 151 -2.37 -39.34 6.12
CA PRO D 151 -2.93 -39.60 7.46
C PRO D 151 -1.94 -39.37 8.59
N GLU D 152 -0.66 -39.56 8.34
CA GLU D 152 0.34 -39.40 9.41
C GLU D 152 0.55 -37.94 9.77
N ARG D 153 0.43 -37.07 8.78
CA ARG D 153 0.65 -35.66 9.01
C ARG D 153 -0.66 -34.88 9.07
N LYS D 154 -1.78 -35.55 8.84
CA LYS D 154 -3.06 -34.87 8.68
C LYS D 154 -2.97 -33.71 7.67
N ILE D 155 -2.38 -34.00 6.52
CA ILE D 155 -2.29 -33.03 5.44
C ILE D 155 -3.13 -33.52 4.27
N LEU D 156 -4.01 -32.67 3.77
CA LEU D 156 -4.83 -33.00 2.63
C LEU D 156 -4.40 -32.19 1.41
N PHE D 157 -4.02 -32.85 0.33
CA PHE D 157 -3.84 -32.13 -0.92
C PHE D 157 -5.18 -32.08 -1.60
N GLY D 158 -5.76 -30.89 -1.67
CA GLY D 158 -7.11 -30.70 -2.16
C GLY D 158 -7.15 -30.50 -3.66
N GLY D 159 -6.02 -30.12 -4.23
CA GLY D 159 -5.95 -29.95 -5.67
C GLY D 159 -6.76 -28.76 -6.13
N CYS D 160 -7.27 -28.86 -7.35
CA CYS D 160 -8.01 -27.77 -7.99
C CYS D 160 -9.49 -27.80 -7.59
N PHE D 161 -9.84 -28.79 -6.79
CA PHE D 161 -11.17 -28.91 -6.20
C PHE D 161 -11.40 -27.79 -5.17
N ILE D 162 -10.36 -27.48 -4.41
CA ILE D 162 -10.44 -26.50 -3.33
C ILE D 162 -10.52 -25.09 -3.89
N LYS D 163 -11.70 -24.49 -3.82
CA LYS D 163 -11.93 -23.15 -4.36
C LYS D 163 -12.60 -22.23 -3.34
N PRO D 164 -11.82 -21.72 -2.38
CA PRO D 164 -12.38 -21.02 -1.22
C PRO D 164 -12.94 -19.62 -1.52
N TYR D 165 -12.56 -19.01 -2.62
CA TYR D 165 -13.05 -17.68 -2.91
C TYR D 165 -13.88 -17.53 -4.15
N GLY D 166 -14.19 -18.62 -4.83
CA GLY D 166 -14.78 -18.57 -6.15
C GLY D 166 -14.36 -19.78 -6.95
N LEU D 167 -15.28 -20.29 -7.75
CA LEU D 167 -15.09 -21.56 -8.43
C LEU D 167 -14.11 -21.52 -9.60
N GLY D 168 -13.84 -20.34 -10.13
CA GLY D 168 -12.95 -20.23 -11.28
C GLY D 168 -13.58 -20.75 -12.56
N ASN D 169 -12.75 -21.31 -13.43
CA ASN D 169 -13.20 -21.82 -14.72
C ASN D 169 -14.18 -23.00 -14.61
N LEU D 170 -15.40 -22.79 -15.08
CA LEU D 170 -16.44 -23.81 -15.00
C LEU D 170 -16.57 -24.65 -16.28
N GLY D 171 -15.62 -24.46 -17.20
CA GLY D 171 -15.61 -25.18 -18.47
C GLY D 171 -15.87 -26.68 -18.38
N ASP D 172 -15.15 -27.35 -17.50
CA ASP D 172 -15.30 -28.79 -17.35
C ASP D 172 -15.94 -29.15 -16.01
N ALA D 173 -16.58 -28.17 -15.39
CA ALA D 173 -17.12 -28.37 -14.05
C ALA D 173 -18.52 -28.98 -14.06
N ASN D 174 -18.89 -29.58 -12.93
CA ASN D 174 -20.23 -30.09 -12.72
C ASN D 174 -20.81 -29.29 -11.57
N ILE D 175 -21.49 -28.19 -11.90
CA ILE D 175 -21.93 -27.22 -10.92
C ILE D 175 -23.06 -27.78 -10.05
N GLU D 176 -23.83 -28.70 -10.60
CA GLU D 176 -24.88 -29.32 -9.84
C GLU D 176 -24.36 -30.26 -8.80
N ALA D 177 -23.33 -31.00 -9.14
CA ALA D 177 -22.80 -32.03 -8.25
C ALA D 177 -21.82 -31.50 -7.19
N TRP D 178 -21.19 -30.37 -7.47
CA TRP D 178 -20.09 -29.86 -6.65
C TRP D 178 -20.41 -29.69 -5.17
N PRO D 179 -21.61 -29.15 -4.82
CA PRO D 179 -21.89 -29.01 -3.39
C PRO D 179 -21.93 -30.34 -2.62
N LYS D 180 -22.55 -31.36 -3.20
CA LYS D 180 -22.59 -32.65 -2.53
C LYS D 180 -21.18 -33.21 -2.37
N SER D 181 -20.38 -33.08 -3.42
CA SER D 181 -18.98 -33.51 -3.39
C SER D 181 -18.20 -32.73 -2.34
N ALA D 182 -18.41 -31.42 -2.29
CA ALA D 182 -17.73 -30.57 -1.31
C ALA D 182 -18.17 -30.92 0.10
N LYS D 183 -19.46 -31.24 0.26
CA LYS D 183 -20.00 -31.68 1.54
C LYS D 183 -19.37 -32.96 2.04
N LEU D 184 -19.26 -33.94 1.16
CA LEU D 184 -18.63 -35.21 1.50
C LEU D 184 -17.17 -35.01 1.88
N LEU D 185 -16.48 -34.17 1.12
CA LEU D 185 -15.06 -33.92 1.39
C LEU D 185 -14.91 -33.32 2.78
N LYS D 186 -15.79 -32.37 3.11
CA LYS D 186 -15.75 -31.71 4.41
C LYS D 186 -16.05 -32.68 5.55
N SER D 187 -17.07 -33.52 5.40
CA SER D 187 -17.34 -34.59 6.37
C SER D 187 -16.09 -35.43 6.62
N LYS D 188 -15.49 -35.91 5.53
CA LYS D 188 -14.40 -36.87 5.61
C LYS D 188 -13.10 -36.33 6.20
N TYR D 189 -12.75 -35.08 5.89
CA TYR D 189 -11.44 -34.56 6.27
C TYR D 189 -11.49 -33.32 7.15
N GLY D 190 -12.55 -33.20 7.94
CA GLY D 190 -12.71 -32.09 8.87
C GLY D 190 -11.58 -32.01 9.89
N LYS D 191 -10.89 -33.12 10.09
CA LYS D 191 -9.77 -33.15 11.03
C LYS D 191 -8.45 -32.79 10.36
N ALA D 192 -8.50 -32.29 9.13
CA ALA D 192 -7.29 -31.87 8.44
C ALA D 192 -6.60 -30.76 9.22
N LYS D 193 -5.32 -30.95 9.47
CA LYS D 193 -4.51 -29.94 10.14
C LYS D 193 -4.12 -28.90 9.09
N LEU D 194 -3.81 -29.37 7.89
CA LEU D 194 -3.50 -28.49 6.78
C LEU D 194 -4.20 -28.95 5.49
N VAL D 195 -4.66 -27.98 4.71
CA VAL D 195 -5.23 -28.25 3.39
C VAL D 195 -4.45 -27.50 2.33
N VAL D 196 -3.99 -28.22 1.31
CA VAL D 196 -3.16 -27.62 0.28
C VAL D 196 -3.93 -27.51 -1.04
N PRO D 197 -4.29 -26.28 -1.42
CA PRO D 197 -4.95 -26.05 -2.71
C PRO D 197 -3.93 -25.94 -3.83
N SER D 198 -4.37 -26.13 -5.07
CA SER D 198 -3.49 -26.00 -6.23
C SER D 198 -3.05 -24.56 -6.53
N HIS D 199 -3.94 -23.60 -6.38
CA HIS D 199 -3.66 -22.26 -6.92
C HIS D 199 -3.71 -21.13 -5.90
N SER D 200 -3.78 -21.47 -4.62
CA SER D 200 -3.77 -20.48 -3.56
C SER D 200 -2.99 -21.02 -2.38
N GLU D 201 -2.90 -20.24 -1.34
CA GLU D 201 -2.09 -20.56 -0.20
C GLU D 201 -2.57 -21.66 0.70
N VAL D 202 -1.65 -22.31 1.37
CA VAL D 202 -1.99 -23.35 2.33
C VAL D 202 -2.86 -22.83 3.47
N GLY D 203 -3.92 -23.55 3.80
CA GLY D 203 -4.71 -23.23 4.97
C GLY D 203 -5.00 -24.43 5.84
N ASP D 204 -5.99 -24.27 6.72
CA ASP D 204 -6.44 -25.38 7.56
C ASP D 204 -7.78 -25.90 7.02
N ALA D 205 -8.51 -26.62 7.87
CA ALA D 205 -9.75 -27.26 7.46
C ALA D 205 -10.85 -26.28 7.04
N SER D 206 -10.68 -24.99 7.34
CA SER D 206 -11.69 -24.01 6.97
C SER D 206 -11.84 -23.89 5.46
N LEU D 207 -10.78 -24.25 4.73
CA LEU D 207 -10.83 -24.21 3.27
C LEU D 207 -11.86 -25.19 2.72
N LEU D 208 -12.18 -26.23 3.49
CA LEU D 208 -13.22 -27.19 3.10
C LEU D 208 -14.61 -26.57 3.24
N LYS D 209 -14.81 -25.82 4.31
CA LYS D 209 -16.06 -25.08 4.51
C LYS D 209 -16.26 -24.02 3.43
N LEU D 210 -15.21 -23.25 3.17
CA LEU D 210 -15.28 -22.19 2.17
C LEU D 210 -15.57 -22.74 0.77
N THR D 211 -14.97 -23.88 0.44
CA THR D 211 -15.23 -24.50 -0.86
C THR D 211 -16.69 -24.94 -0.98
N LEU D 212 -17.20 -25.57 0.07
CA LEU D 212 -18.62 -25.96 0.12
C LEU D 212 -19.52 -24.76 -0.09
N GLU D 213 -19.22 -23.66 0.62
CA GLU D 213 -20.00 -22.43 0.50
C GLU D 213 -20.00 -21.84 -0.91
N GLN D 214 -18.84 -21.80 -1.53
CA GLN D 214 -18.74 -21.30 -2.91
C GLN D 214 -19.49 -22.22 -3.89
N ALA D 215 -19.42 -23.52 -3.67
CA ALA D 215 -20.10 -24.48 -4.52
C ALA D 215 -21.60 -24.26 -4.46
N VAL D 216 -22.13 -24.16 -3.24
CA VAL D 216 -23.56 -23.91 -3.03
C VAL D 216 -23.99 -22.58 -3.67
N LYS D 217 -23.20 -21.53 -3.41
CA LYS D 217 -23.44 -20.23 -4.03
C LYS D 217 -23.34 -20.26 -5.56
N GLY D 218 -22.38 -21.01 -6.08
CA GLY D 218 -22.19 -21.12 -7.51
C GLY D 218 -23.38 -21.76 -8.21
N LEU D 219 -23.95 -22.77 -7.56
CA LEU D 219 -25.11 -23.49 -8.11
C LEU D 219 -26.31 -22.55 -8.21
N ASN D 220 -26.58 -21.83 -7.13
CA ASN D 220 -27.67 -20.85 -7.09
C ASN D 220 -27.55 -19.76 -8.17
N GLU D 221 -26.36 -19.21 -8.33
CA GLU D 221 -26.10 -18.20 -9.36
C GLU D 221 -26.34 -18.73 -10.76
N SER D 222 -26.14 -20.02 -10.92
CA SER D 222 -26.37 -20.66 -12.19
C SER D 222 -27.83 -20.61 -12.54
N LYS D 223 -28.68 -20.55 -11.52
CA LYS D 223 -30.13 -20.57 -11.69
C LYS D 223 -30.77 -19.22 -11.34
ZN ZN E . 2.48 -7.21 3.30
ZN ZN F . -0.89 -8.65 3.07
O11 9BZ G . -0.72 -14.31 2.12
C09 9BZ G . 0.24 -13.58 1.81
O10 9BZ G . 1.06 -13.17 2.65
C08 9BZ G . 0.35 -13.22 0.35
N07 9BZ G . 0.85 -11.86 0.03
C03 9BZ G . 0.14 -10.71 0.46
C02 9BZ G . 0.97 -10.33 1.69
S01 9BZ G . 1.03 -8.56 1.89
S04 9BZ G . 0.29 -9.68 -0.97
C05 9BZ G . 1.54 -10.56 -1.81
C06 9BZ G . 2.00 -11.64 -0.82
S13 9BZ G . 2.23 -13.24 -1.50
C12 9BZ G . 1.21 -14.21 -0.42
C15 9BZ G . 2.11 -15.01 0.53
C14 9BZ G . 0.24 -15.12 -1.17
C1 EDO H . 1.00 -6.49 -4.36
O1 EDO H . 2.27 -6.25 -3.74
C2 EDO H . 0.13 -7.29 -3.41
O2 EDO H . 0.18 -6.72 -2.09
ZN ZN I . 0.81 27.69 27.99
ZN ZN J . 2.87 30.38 26.86
O11 9BZ K . 0.44 31.49 32.24
C09 9BZ K . 1.52 31.86 31.74
O10 9BZ K . 2.60 31.37 32.04
C08 9BZ K . 1.64 32.97 30.75
N07 9BZ K . 0.50 33.07 29.83
C03 9BZ K . 0.51 32.49 28.51
C02 9BZ K . 0.07 31.06 28.72
S01 9BZ K . 0.99 30.07 27.57
S04 9BZ K . -0.76 33.27 27.62
C05 9BZ K . -1.24 34.39 28.91
C06 9BZ K . -0.68 33.83 30.23
S13 9BZ K . 0.08 34.98 31.32
C12 9BZ K . 1.73 34.31 31.48
C15 9BZ K . 2.07 34.22 32.97
C14 9BZ K . 2.84 35.09 30.81
ZN ZN L . -0.59 7.88 -15.72
ZN ZN M . -0.40 11.44 -16.73
S DMS N . 0.55 -3.23 -27.21
O DMS N . -0.58 -3.99 -27.80
C1 DMS N . 0.23 -1.45 -27.36
C2 DMS N . 0.50 -3.38 -25.39
O11 9BZ O . 3.07 11.99 -13.30
C09 9BZ O . 2.88 13.15 -12.83
O10 9BZ O . 3.66 14.11 -13.08
C08 9BZ O . 1.69 13.41 -11.92
N07 9BZ O . 0.53 12.51 -12.01
C03 9BZ O . -0.16 12.15 -13.24
C02 9BZ O . 0.15 10.69 -13.50
S01 9BZ O . -0.79 10.01 -14.87
S04 9BZ O . -1.84 12.47 -12.81
C05 9BZ O . -1.62 12.49 -11.05
C06 9BZ O . -0.16 12.06 -10.81
S13 9BZ O . 0.69 12.90 -9.53
C12 9BZ O . 2.10 13.47 -10.42
C15 9BZ O . 3.23 12.48 -10.11
C14 9BZ O . 2.50 14.91 -10.05
ZN ZN P . -8.14 -28.22 -13.37
ZN ZN Q . -5.61 -26.42 -11.67
O11 9BZ R . -27.99 -31.74 0.35
C09 9BZ R . -27.83 -30.48 0.28
O10 9BZ R . -28.33 -29.77 -0.62
C08 9BZ R . -27.02 -29.73 1.32
N07 9BZ R . -27.14 -30.25 2.70
C03 9BZ R . -28.39 -30.56 3.34
C02 9BZ R . -28.41 -32.00 3.88
S01 9BZ R . -29.99 -32.40 4.69
S04 9BZ R . -28.26 -29.37 4.63
C05 9BZ R . -26.48 -29.25 4.67
C06 9BZ R . -25.98 -30.23 3.59
S13 9BZ R . -24.69 -29.64 2.57
C12 9BZ R . -25.51 -29.56 0.99
C15 9BZ R . -24.98 -30.69 0.12
C14 9BZ R . -25.27 -28.24 0.28
#